data_5F2N
#
_entry.id   5F2N
#
_cell.length_a   62.805
_cell.length_b   65.963
_cell.length_c   98.182
_cell.angle_alpha   90.00
_cell.angle_beta   107.10
_cell.angle_gamma   90.00
#
_symmetry.space_group_name_H-M   'P 1 21 1'
#
loop_
_entity.id
_entity.type
_entity.pdbx_description
1 polymer 'fatty acid O-methyltransferase'
2 non-polymer S-ADENOSYL-L-HOMOCYSTEINE
3 non-polymer '(3~{S})-3-oxidanyldecanoic acid'
4 water water
#
_entity_poly.entity_id   1
_entity_poly.type   'polypeptide(L)'
_entity_poly.pdbx_seq_one_letter_code
;MPREIRLPESSVVVRPAPMESATYSQSSRLQAAGLSPAITLFEKAAQTVPLPDAPQPVVIADYGVATGHNSLKPMMAAIN
ALRRRIREDRAIMVAHTDVPDNDFTALFRTLADDPDSYLHHDSASFASAVGRSFYTQILPSNTVSLGWSSWAIQWLSRIP
AGAPELTDHVQVAYSKDERARAAYAHQAATDWQDFLAFRGRELCPGGRLVVLTMALDEHGHFGYRPMNDALVAALNDQVR
DGLLRPEELRRMAIPVVARAEKDLRAPFAPRGWFEGLTIEQLDVFNAEDRFWAAFQSDGDAESFGAQWAGFARAALFPTL
AAALDCGTGDPRATAFIEQLEASVADRLASQPEPMRIPLASLVLAKRA
;
_entity_poly.pdbx_strand_id   A,B
#
loop_
_chem_comp.id
_chem_comp.type
_chem_comp.name
_chem_comp.formula
5UF non-polymer '(3~{S})-3-oxidanyldecanoic acid' 'C10 H20 O3'
#
# COMPACT_ATOMS: atom_id res chain seq x y z
N SER A 11 3.11 20.52 6.98
CA SER A 11 4.00 20.34 8.16
C SER A 11 5.28 21.14 7.97
N VAL A 12 5.76 21.76 9.05
CA VAL A 12 7.06 22.44 9.05
C VAL A 12 8.23 21.45 9.08
N VAL A 13 7.92 20.16 9.21
CA VAL A 13 8.96 19.14 9.14
C VAL A 13 9.06 18.70 7.68
N VAL A 14 10.19 18.98 7.05
CA VAL A 14 10.34 18.72 5.61
C VAL A 14 11.02 17.38 5.37
N ARG A 15 10.31 16.48 4.70
CA ARG A 15 10.77 15.11 4.49
C ARG A 15 11.21 14.90 3.04
N PRO A 16 12.02 13.86 2.77
CA PRO A 16 12.33 13.54 1.38
C PRO A 16 11.12 12.94 0.66
N ALA A 17 11.22 12.83 -0.66
CA ALA A 17 10.19 12.20 -1.48
C ALA A 17 10.60 10.76 -1.82
N PRO A 18 9.61 9.87 -1.95
CA PRO A 18 9.88 8.48 -2.33
C PRO A 18 10.42 8.38 -3.76
N MET A 19 10.77 7.18 -4.19
CA MET A 19 11.32 7.02 -5.55
C MET A 19 10.24 7.24 -6.60
N GLU A 20 10.67 7.56 -7.82
CA GLU A 20 9.75 7.66 -8.94
C GLU A 20 9.26 6.26 -9.30
N SER A 21 8.02 5.98 -8.91
CA SER A 21 7.38 4.69 -9.11
C SER A 21 7.43 4.26 -10.57
N ALA A 22 7.28 5.25 -11.46
CA ALA A 22 7.20 5.00 -12.88
C ALA A 22 8.47 4.41 -13.45
N THR A 23 9.63 4.74 -12.86
CA THR A 23 10.92 4.34 -13.43
C THR A 23 11.87 3.57 -12.49
N TYR A 24 11.57 3.54 -11.19
CA TYR A 24 12.51 2.93 -10.25
C TYR A 24 12.92 1.50 -10.62
N SER A 25 11.94 0.65 -10.96
CA SER A 25 12.23 -0.76 -11.27
C SER A 25 13.13 -0.94 -12.50
N GLN A 26 13.11 0.06 -13.39
CA GLN A 26 13.95 0.06 -14.59
C GLN A 26 15.29 0.79 -14.37
N SER A 27 15.36 1.57 -13.30
CA SER A 27 16.51 2.44 -13.07
C SER A 27 17.27 2.12 -11.77
N SER A 28 17.18 0.87 -11.30
CA SER A 28 17.79 0.49 -10.02
C SER A 28 18.76 -0.67 -10.12
N ARG A 29 19.34 -0.85 -11.31
CA ARG A 29 20.35 -1.88 -11.53
C ARG A 29 21.64 -1.61 -10.77
N LEU A 30 21.99 -0.34 -10.61
CA LEU A 30 23.17 0.01 -9.82
C LEU A 30 22.94 -0.49 -8.39
N GLN A 31 21.80 -0.13 -7.81
CA GLN A 31 21.44 -0.59 -6.48
C GLN A 31 21.47 -2.12 -6.38
N ALA A 32 20.86 -2.81 -7.34
CA ALA A 32 20.83 -4.28 -7.34
C ALA A 32 22.23 -4.89 -7.36
N ALA A 33 23.11 -4.34 -8.19
CA ALA A 33 24.49 -4.86 -8.27
C ALA A 33 25.25 -4.61 -6.96
N GLY A 34 25.01 -3.46 -6.36
CA GLY A 34 25.70 -3.08 -5.12
C GLY A 34 25.31 -3.91 -3.91
N LEU A 35 24.04 -4.33 -3.86
CA LEU A 35 23.54 -5.06 -2.68
C LEU A 35 23.85 -6.56 -2.75
N SER A 36 24.31 -7.01 -3.91
CA SER A 36 24.55 -8.43 -4.16
C SER A 36 25.32 -9.13 -3.02
N PRO A 37 26.46 -8.56 -2.57
CA PRO A 37 27.20 -9.17 -1.45
C PRO A 37 26.41 -9.30 -0.16
N ALA A 38 25.46 -8.39 0.07
CA ALA A 38 24.65 -8.42 1.28
C ALA A 38 23.66 -9.58 1.27
N ILE A 39 23.28 -10.05 0.09
CA ILE A 39 22.39 -11.22 -0.04
C ILE A 39 23.01 -12.48 0.57
N THR A 40 24.32 -12.68 0.35
CA THR A 40 25.04 -13.81 0.92
C THR A 40 24.93 -13.81 2.45
N LEU A 41 25.12 -12.64 3.05
CA LEU A 41 24.99 -12.47 4.49
C LEU A 41 23.58 -12.81 4.97
N PHE A 42 22.59 -12.32 4.24
CA PHE A 42 21.17 -12.52 4.56
C PHE A 42 20.80 -14.01 4.52
N GLU A 43 21.24 -14.69 3.46
CA GLU A 43 21.01 -16.12 3.28
C GLU A 43 21.65 -16.92 4.42
N LYS A 44 22.89 -16.55 4.76
CA LYS A 44 23.60 -17.17 5.86
C LYS A 44 22.82 -17.01 7.18
N ALA A 45 22.36 -15.79 7.46
CA ALA A 45 21.58 -15.54 8.67
C ALA A 45 20.31 -16.41 8.71
N ALA A 46 19.67 -16.57 7.55
CA ALA A 46 18.45 -17.38 7.42
C ALA A 46 18.66 -18.84 7.84
N GLN A 47 19.89 -19.32 7.72
CA GLN A 47 20.23 -20.70 8.11
C GLN A 47 20.07 -20.99 9.61
N THR A 48 20.22 -19.98 10.46
CA THR A 48 20.25 -20.23 11.91
C THR A 48 19.33 -19.37 12.80
N VAL A 49 18.73 -18.31 12.26
CA VAL A 49 17.88 -17.45 13.11
C VAL A 49 16.74 -18.23 13.76
N PRO A 50 16.41 -17.90 15.03
CA PRO A 50 15.28 -18.56 15.71
C PRO A 50 13.98 -18.20 15.01
N LEU A 51 13.05 -19.14 14.97
CA LEU A 51 11.78 -18.92 14.29
C LEU A 51 10.67 -18.99 15.34
N PRO A 52 9.60 -18.18 15.17
CA PRO A 52 8.54 -18.15 16.18
C PRO A 52 7.71 -19.43 16.23
N ASP A 53 7.09 -19.70 17.37
CA ASP A 53 6.37 -20.95 17.56
C ASP A 53 4.93 -20.92 17.04
N ALA A 54 4.32 -22.10 17.00
CA ALA A 54 2.87 -22.27 16.81
C ALA A 54 2.39 -21.80 15.45
N PRO A 55 1.19 -21.18 15.37
CA PRO A 55 0.78 -20.83 14.02
C PRO A 55 1.43 -19.56 13.50
N GLN A 56 2.29 -18.91 14.30
CA GLN A 56 2.92 -17.65 13.86
C GLN A 56 3.74 -17.90 12.59
N PRO A 57 3.58 -17.02 11.58
CA PRO A 57 4.45 -17.14 10.41
C PRO A 57 5.87 -16.72 10.76
N VAL A 58 6.85 -17.23 10.02
CA VAL A 58 8.18 -16.64 10.03
C VAL A 58 8.03 -15.27 9.37
N VAL A 59 8.51 -14.23 10.04
CA VAL A 59 8.42 -12.88 9.50
C VAL A 59 9.78 -12.41 9.01
N ILE A 60 9.83 -12.05 7.74
CA ILE A 60 10.98 -11.38 7.14
C ILE A 60 10.56 -9.95 6.87
N ALA A 61 11.28 -8.98 7.44
CA ALA A 61 10.93 -7.58 7.21
C ALA A 61 11.90 -6.94 6.24
N ASP A 62 11.36 -6.15 5.31
CA ASP A 62 12.12 -5.48 4.27
C ASP A 62 11.90 -3.97 4.44
N TYR A 63 12.89 -3.30 5.00
CA TYR A 63 12.76 -1.89 5.40
C TYR A 63 13.21 -0.94 4.29
N GLY A 64 12.24 -0.30 3.62
CA GLY A 64 12.50 0.62 2.51
C GLY A 64 12.36 -0.08 1.16
N VAL A 65 11.17 -0.62 0.92
CA VAL A 65 10.91 -1.49 -0.24
C VAL A 65 10.89 -0.79 -1.61
N ALA A 66 10.46 0.47 -1.65
CA ALA A 66 10.16 1.17 -2.91
C ALA A 66 9.14 0.36 -3.73
N THR A 67 9.47 0.07 -5.00
CA THR A 67 8.61 -0.72 -5.91
C THR A 67 8.69 -2.24 -5.71
N GLY A 68 9.65 -2.70 -4.91
CA GLY A 68 9.83 -4.12 -4.66
C GLY A 68 10.80 -4.84 -5.59
N HIS A 69 11.20 -4.20 -6.69
CA HIS A 69 11.99 -4.86 -7.71
C HIS A 69 13.28 -5.49 -7.15
N ASN A 70 14.00 -4.75 -6.32
CA ASN A 70 15.25 -5.23 -5.76
C ASN A 70 15.11 -6.07 -4.51
N SER A 71 13.89 -6.29 -4.05
CA SER A 71 13.64 -7.10 -2.87
C SER A 71 13.50 -8.59 -3.21
N LEU A 72 13.15 -8.86 -4.46
CA LEU A 72 12.85 -10.22 -4.91
C LEU A 72 13.96 -11.23 -4.67
N LYS A 73 15.18 -10.91 -5.09
CA LYS A 73 16.32 -11.79 -4.93
C LYS A 73 16.67 -12.05 -3.44
N PRO A 74 16.85 -10.98 -2.62
CA PRO A 74 17.17 -11.20 -1.20
C PRO A 74 16.09 -12.01 -0.49
N MET A 75 14.81 -11.69 -0.74
CA MET A 75 13.71 -12.45 -0.10
C MET A 75 13.74 -13.93 -0.47
N MET A 76 13.96 -14.22 -1.75
CA MET A 76 13.99 -15.61 -2.23
C MET A 76 15.14 -16.39 -1.61
N ALA A 77 16.30 -15.74 -1.49
CA ALA A 77 17.47 -16.33 -0.86
C ALA A 77 17.16 -16.79 0.57
N ALA A 78 16.50 -15.92 1.34
CA ALA A 78 16.10 -16.24 2.71
C ALA A 78 15.06 -17.36 2.75
N ILE A 79 14.02 -17.24 1.93
CA ILE A 79 12.96 -18.27 1.86
C ILE A 79 13.55 -19.63 1.51
N ASN A 80 14.40 -19.68 0.50
CA ASN A 80 15.05 -20.91 0.10
C ASN A 80 15.82 -21.55 1.26
N ALA A 81 16.58 -20.73 1.99
CA ALA A 81 17.29 -21.19 3.18
C ALA A 81 16.35 -21.70 4.27
N LEU A 82 15.24 -21.02 4.46
CA LEU A 82 14.27 -21.41 5.50
C LEU A 82 13.62 -22.76 5.17
N ARG A 83 13.35 -23.00 3.89
CA ARG A 83 12.73 -24.25 3.45
C ARG A 83 13.66 -25.47 3.56
N ARG A 84 14.95 -25.24 3.81
CA ARG A 84 15.87 -26.33 4.12
C ARG A 84 15.78 -26.72 5.61
N ARG A 85 15.11 -25.88 6.39
CA ARG A 85 14.97 -26.08 7.83
C ARG A 85 13.58 -26.58 8.22
N ILE A 86 12.56 -26.01 7.61
CA ILE A 86 11.16 -26.23 8.04
C ILE A 86 10.30 -26.81 6.93
N ARG A 87 9.11 -27.28 7.32
CA ARG A 87 8.15 -27.88 6.37
C ARG A 87 7.74 -26.90 5.28
N GLU A 88 7.43 -27.43 4.10
CA GLU A 88 6.98 -26.60 2.98
C GLU A 88 5.68 -25.85 3.31
N ASP A 89 4.85 -26.43 4.17
CA ASP A 89 3.57 -25.80 4.52
C ASP A 89 3.64 -24.75 5.64
N ARG A 90 4.83 -24.50 6.19
CA ARG A 90 5.02 -23.44 7.19
C ARG A 90 4.85 -22.07 6.52
N ALA A 91 4.00 -21.22 7.09
CA ALA A 91 3.80 -19.89 6.52
C ALA A 91 5.02 -18.99 6.74
N ILE A 92 5.41 -18.29 5.68
CA ILE A 92 6.39 -17.21 5.78
C ILE A 92 5.74 -15.90 5.32
N MET A 93 5.85 -14.86 6.13
CA MET A 93 5.30 -13.55 5.78
C MET A 93 6.41 -12.53 5.56
N VAL A 94 6.45 -11.95 4.37
CA VAL A 94 7.36 -10.85 4.07
C VAL A 94 6.62 -9.54 4.31
N ALA A 95 7.12 -8.74 5.26
CA ALA A 95 6.53 -7.44 5.55
C ALA A 95 7.41 -6.34 4.91
N HIS A 96 6.94 -5.81 3.79
CA HIS A 96 7.64 -4.74 3.04
C HIS A 96 7.25 -3.39 3.61
N THR A 97 8.24 -2.59 4.01
CA THR A 97 7.91 -1.32 4.67
C THR A 97 8.45 -0.13 3.89
N ASP A 98 7.71 0.97 3.92
CA ASP A 98 8.19 2.21 3.32
C ASP A 98 7.44 3.38 3.93
N VAL A 99 7.58 4.57 3.35
CA VAL A 99 6.80 5.74 3.81
C VAL A 99 5.36 5.64 3.27
N PRO A 100 4.41 6.35 3.93
CA PRO A 100 3.02 6.30 3.47
C PRO A 100 2.83 6.65 1.98
N ASP A 101 3.62 7.60 1.48
N ASP A 101 3.58 7.62 1.46
CA ASP A 101 3.49 8.10 0.10
CA ASP A 101 3.39 8.04 0.06
C ASP A 101 4.23 7.27 -0.95
C ASP A 101 4.19 7.24 -0.97
N ASN A 102 4.84 6.16 -0.52
CA ASN A 102 5.39 5.18 -1.47
C ASN A 102 4.22 4.64 -2.32
N ASP A 103 4.51 4.28 -3.56
CA ASP A 103 3.51 3.67 -4.44
C ASP A 103 3.42 2.17 -4.15
N PHE A 104 2.53 1.82 -3.23
CA PHE A 104 2.34 0.43 -2.85
C PHE A 104 1.60 -0.39 -3.90
N THR A 105 0.84 0.29 -4.76
CA THR A 105 0.22 -0.37 -5.91
C THR A 105 1.30 -0.94 -6.83
N ALA A 106 2.34 -0.16 -7.12
CA ALA A 106 3.48 -0.67 -7.90
C ALA A 106 4.15 -1.87 -7.22
N LEU A 107 4.26 -1.84 -5.88
CA LEU A 107 4.78 -3.00 -5.15
C LEU A 107 3.93 -4.24 -5.37
N PHE A 108 2.62 -4.12 -5.15
CA PHE A 108 1.75 -5.29 -5.26
C PHE A 108 1.68 -5.83 -6.69
N ARG A 109 1.78 -4.95 -7.68
CA ARG A 109 1.89 -5.38 -9.06
C ARG A 109 3.21 -6.12 -9.34
N THR A 110 4.31 -5.63 -8.77
CA THR A 110 5.60 -6.31 -8.88
C THR A 110 5.51 -7.73 -8.32
N LEU A 111 4.91 -7.85 -7.12
CA LEU A 111 4.79 -9.16 -6.46
C LEU A 111 3.89 -10.12 -7.22
N ALA A 112 2.90 -9.57 -7.92
CA ALA A 112 1.96 -10.38 -8.71
C ALA A 112 2.51 -10.75 -10.08
N ASP A 113 3.23 -9.82 -10.72
CA ASP A 113 3.56 -9.91 -12.14
C ASP A 113 4.98 -10.39 -12.46
N ASP A 114 5.94 -10.08 -11.59
CA ASP A 114 7.32 -10.47 -11.84
C ASP A 114 7.50 -11.96 -11.56
N PRO A 115 7.96 -12.74 -12.56
CA PRO A 115 8.16 -14.18 -12.38
C PRO A 115 9.15 -14.50 -11.26
N ASP A 116 10.04 -13.56 -10.96
CA ASP A 116 11.01 -13.74 -9.88
C ASP A 116 10.39 -13.56 -8.49
N SER A 117 9.15 -13.09 -8.43
CA SER A 117 8.47 -12.91 -7.14
C SER A 117 8.42 -14.21 -6.33
N TYR A 118 8.65 -14.10 -5.03
CA TYR A 118 8.61 -15.26 -4.13
C TYR A 118 7.23 -15.90 -4.09
N LEU A 119 6.19 -15.09 -4.36
CA LEU A 119 4.82 -15.58 -4.43
C LEU A 119 4.64 -16.60 -5.55
N HIS A 120 5.50 -16.53 -6.55
CA HIS A 120 5.52 -17.47 -7.66
C HIS A 120 6.45 -18.66 -7.48
N HIS A 121 7.27 -18.63 -6.44
CA HIS A 121 8.22 -19.73 -6.20
C HIS A 121 7.97 -20.53 -4.94
N ASP A 122 7.23 -19.94 -4.01
CA ASP A 122 6.93 -20.58 -2.74
C ASP A 122 5.45 -20.41 -2.42
N SER A 123 4.72 -21.52 -2.40
CA SER A 123 3.27 -21.47 -2.25
C SER A 123 2.76 -21.14 -0.84
N ALA A 124 3.64 -21.22 0.18
CA ALA A 124 3.26 -20.83 1.55
C ALA A 124 3.97 -19.54 2.00
N SER A 125 4.29 -18.68 1.05
CA SER A 125 4.82 -17.36 1.33
C SER A 125 3.73 -16.33 1.13
N PHE A 126 3.75 -15.30 1.98
CA PHE A 126 2.77 -14.21 1.96
C PHE A 126 3.45 -12.84 1.93
N ALA A 127 2.69 -11.83 1.55
CA ALA A 127 3.21 -10.48 1.39
C ALA A 127 2.32 -9.47 2.08
N SER A 128 2.94 -8.53 2.76
CA SER A 128 2.21 -7.41 3.35
C SER A 128 3.01 -6.12 3.19
N ALA A 129 2.35 -4.99 3.40
CA ALA A 129 3.00 -3.69 3.29
C ALA A 129 2.76 -2.85 4.53
N VAL A 130 3.78 -2.10 4.94
CA VAL A 130 3.64 -1.17 6.07
C VAL A 130 4.09 0.22 5.63
N GLY A 131 3.15 1.16 5.59
CA GLY A 131 3.43 2.51 5.13
C GLY A 131 3.55 3.47 6.31
N ARG A 132 4.63 3.29 7.07
CA ARG A 132 4.90 4.10 8.26
C ARG A 132 6.42 4.20 8.35
N SER A 133 6.94 5.40 8.53
CA SER A 133 8.39 5.63 8.64
C SER A 133 9.10 4.61 9.53
N PHE A 134 10.19 4.01 9.05
CA PHE A 134 10.92 3.05 9.88
C PHE A 134 11.78 3.66 10.99
N TYR A 135 11.62 4.98 11.20
CA TYR A 135 12.25 5.64 12.35
C TYR A 135 11.35 5.60 13.59
N THR A 136 10.27 4.82 13.50
CA THR A 136 9.45 4.43 14.66
C THR A 136 9.31 2.92 14.66
N GLN A 137 8.80 2.34 15.74
CA GLN A 137 8.45 0.91 15.72
C GLN A 137 7.18 0.73 14.87
N ILE A 138 7.26 -0.16 13.89
CA ILE A 138 6.17 -0.35 12.92
C ILE A 138 5.68 -1.80 12.84
N LEU A 139 6.36 -2.69 13.58
CA LEU A 139 5.95 -4.08 13.68
C LEU A 139 5.94 -4.53 15.15
N PRO A 140 5.09 -5.52 15.49
CA PRO A 140 5.04 -6.02 16.87
C PRO A 140 6.40 -6.45 17.41
N SER A 141 6.66 -6.17 18.69
CA SER A 141 7.90 -6.56 19.35
C SER A 141 8.15 -8.06 19.26
N ASN A 142 9.41 -8.42 19.05
CA ASN A 142 9.86 -9.82 19.06
C ASN A 142 9.32 -10.74 17.96
N THR A 143 8.76 -10.17 16.90
CA THR A 143 8.13 -11.00 15.86
C THR A 143 8.97 -11.22 14.59
N VAL A 144 10.02 -10.43 14.41
CA VAL A 144 10.82 -10.49 13.18
C VAL A 144 12.04 -11.37 13.36
N SER A 145 12.12 -12.45 12.57
CA SER A 145 13.27 -13.34 12.64
C SER A 145 14.42 -12.78 11.81
N LEU A 146 14.07 -12.18 10.68
CA LEU A 146 15.05 -11.70 9.71
C LEU A 146 14.68 -10.34 9.19
N GLY A 147 15.60 -9.39 9.35
CA GLY A 147 15.43 -8.05 8.79
C GLY A 147 16.39 -7.79 7.64
N TRP A 148 15.89 -7.06 6.65
CA TRP A 148 16.68 -6.65 5.50
C TRP A 148 16.40 -5.18 5.22
N SER A 149 17.46 -4.40 4.99
CA SER A 149 17.26 -3.01 4.55
C SER A 149 18.39 -2.60 3.62
N SER A 150 18.07 -2.40 2.34
CA SER A 150 19.09 -1.98 1.37
C SER A 150 18.78 -0.64 0.75
N TRP A 151 19.80 0.22 0.70
CA TRP A 151 19.71 1.54 0.07
C TRP A 151 18.59 2.44 0.64
N ALA A 152 18.28 2.28 1.93
CA ALA A 152 17.18 3.04 2.54
C ALA A 152 17.61 3.99 3.67
N ILE A 153 18.49 3.54 4.55
CA ILE A 153 18.85 4.26 5.78
CA ILE A 153 18.80 4.32 5.76
C ILE A 153 19.69 5.53 5.54
N GLN A 154 20.21 5.69 4.32
CA GLN A 154 20.93 6.92 3.99
C GLN A 154 19.97 8.13 3.90
N TRP A 155 18.68 7.85 3.79
CA TRP A 155 17.66 8.90 3.74
C TRP A 155 17.32 9.42 5.13
N LEU A 156 17.64 10.69 5.36
CA LEU A 156 17.31 11.33 6.63
C LEU A 156 15.81 11.35 6.86
N SER A 157 15.40 11.35 8.13
CA SER A 157 13.98 11.47 8.48
C SER A 157 13.43 12.83 8.04
N ARG A 158 14.33 13.81 7.91
CA ARG A 158 13.97 15.18 7.59
C ARG A 158 15.20 16.01 7.20
N ILE A 159 14.97 17.10 6.48
CA ILE A 159 15.91 18.21 6.47
C ILE A 159 15.99 18.68 7.91
N PRO A 160 17.20 18.72 8.49
CA PRO A 160 17.30 19.13 9.89
C PRO A 160 16.72 20.54 10.09
N ALA A 161 16.00 20.73 11.20
CA ALA A 161 15.46 22.05 11.53
C ALA A 161 16.61 23.05 11.65
N GLY A 162 16.41 24.24 11.10
CA GLY A 162 17.41 25.30 11.19
C GLY A 162 18.69 25.07 10.38
N ALA A 163 18.74 24.00 9.58
CA ALA A 163 19.90 23.79 8.70
C ALA A 163 19.98 24.90 7.65
N PRO A 164 21.21 25.39 7.38
CA PRO A 164 21.45 26.34 6.29
C PRO A 164 21.06 25.71 4.95
N GLU A 165 20.79 26.55 3.94
CA GLU A 165 20.52 26.04 2.60
C GLU A 165 21.78 25.47 2.00
N LEU A 166 21.66 24.35 1.29
CA LEU A 166 22.80 23.76 0.60
C LEU A 166 23.02 24.51 -0.70
N THR A 167 24.20 25.09 -0.86
CA THR A 167 24.50 25.92 -2.03
C THR A 167 24.60 25.12 -3.34
N ASP A 168 24.91 23.84 -3.22
CA ASP A 168 24.99 22.92 -4.37
C ASP A 168 23.89 21.85 -4.42
N HIS A 169 23.09 21.76 -3.36
CA HIS A 169 21.74 21.16 -3.37
C HIS A 169 21.61 19.64 -3.29
N VAL A 170 22.53 18.89 -3.91
CA VAL A 170 22.29 17.46 -4.07
C VAL A 170 23.00 16.55 -3.06
N GLN A 171 24.03 17.07 -2.40
CA GLN A 171 24.76 16.27 -1.41
C GLN A 171 25.57 17.12 -0.44
N VAL A 172 25.24 17.02 0.84
CA VAL A 172 25.87 17.82 1.89
C VAL A 172 27.38 17.57 2.02
N ALA A 173 27.84 16.37 1.64
CA ALA A 173 29.27 16.04 1.74
C ALA A 173 30.10 16.96 0.87
N TYR A 174 29.50 17.46 -0.20
CA TYR A 174 30.16 18.40 -1.12
C TYR A 174 29.91 19.88 -0.75
N SER A 175 29.17 20.12 0.33
CA SER A 175 28.90 21.48 0.81
C SER A 175 30.13 22.06 1.48
N LYS A 176 30.34 23.37 1.30
CA LYS A 176 31.44 24.08 1.92
C LYS A 176 31.00 24.70 3.24
N ASP A 177 29.74 24.45 3.62
CA ASP A 177 29.18 25.03 4.83
C ASP A 177 29.32 24.06 6.02
N GLU A 178 30.23 24.40 6.93
CA GLU A 178 30.47 23.65 8.17
C GLU A 178 29.19 23.36 8.94
N ARG A 179 28.36 24.38 9.11
CA ARG A 179 27.13 24.27 9.88
C ARG A 179 26.12 23.29 9.25
N ALA A 180 26.06 23.28 7.92
CA ALA A 180 25.18 22.35 7.21
C ALA A 180 25.67 20.91 7.37
N ARG A 181 26.97 20.68 7.19
CA ARG A 181 27.54 19.34 7.34
C ARG A 181 27.30 18.80 8.76
N ALA A 182 27.49 19.66 9.77
CA ALA A 182 27.26 19.29 11.17
C ALA A 182 25.80 18.94 11.44
N ALA A 183 24.89 19.77 10.95
CA ALA A 183 23.46 19.56 11.14
C ALA A 183 23.02 18.24 10.49
N TYR A 184 23.52 17.97 9.29
CA TYR A 184 23.15 16.71 8.61
C TYR A 184 23.76 15.50 9.31
N ALA A 185 25.00 15.64 9.81
CA ALA A 185 25.66 14.53 10.49
C ALA A 185 24.92 14.19 11.78
N HIS A 186 24.47 15.24 12.49
CA HIS A 186 23.74 15.00 13.72
C HIS A 186 22.39 14.32 13.46
N GLN A 187 21.68 14.77 12.43
CA GLN A 187 20.42 14.15 12.04
C GLN A 187 20.64 12.68 11.69
N ALA A 188 21.68 12.41 10.91
CA ALA A 188 21.99 11.03 10.54
C ALA A 188 22.27 10.16 11.77
N ALA A 189 22.97 10.74 12.74
CA ALA A 189 23.34 10.01 13.96
C ALA A 189 22.12 9.66 14.80
N THR A 190 21.21 10.61 14.97
CA THR A 190 20.00 10.33 15.74
C THR A 190 19.07 9.37 15.00
N ASP A 191 18.99 9.50 13.66
CA ASP A 191 18.20 8.58 12.83
C ASP A 191 18.67 7.14 12.97
N TRP A 192 20.00 6.95 12.97
CA TRP A 192 20.60 5.64 13.08
C TRP A 192 20.27 5.03 14.43
N GLN A 193 20.44 5.81 15.50
CA GLN A 193 20.02 5.39 16.84
C GLN A 193 18.56 4.95 16.88
N ASP A 194 17.68 5.77 16.26
CA ASP A 194 16.25 5.47 16.22
C ASP A 194 16.00 4.16 15.48
N PHE A 195 16.53 4.05 14.27
CA PHE A 195 16.40 2.85 13.45
C PHE A 195 16.81 1.60 14.26
N LEU A 196 17.98 1.65 14.89
CA LEU A 196 18.47 0.53 15.69
C LEU A 196 17.59 0.22 16.87
N ALA A 197 17.16 1.25 17.60
CA ALA A 197 16.32 1.08 18.79
C ALA A 197 15.04 0.32 18.44
N PHE A 198 14.43 0.70 17.33
CA PHE A 198 13.16 0.08 16.97
C PHE A 198 13.28 -1.28 16.29
N ARG A 199 14.36 -1.51 15.54
CA ARG A 199 14.63 -2.84 15.01
C ARG A 199 14.97 -3.80 16.15
N GLY A 200 15.66 -3.28 17.17
CA GLY A 200 16.00 -4.06 18.37
C GLY A 200 14.78 -4.52 19.13
N ARG A 201 13.69 -3.77 19.01
CA ARG A 201 12.42 -4.18 19.61
C ARG A 201 11.69 -5.20 18.74
N GLU A 202 11.72 -5.00 17.42
CA GLU A 202 10.96 -5.82 16.47
C GLU A 202 11.51 -7.23 16.27
N LEU A 203 12.84 -7.34 16.26
CA LEU A 203 13.49 -8.64 16.11
C LEU A 203 13.20 -9.55 17.30
N CYS A 204 13.05 -10.84 17.02
CA CYS A 204 13.06 -11.83 18.09
C CYS A 204 14.47 -11.91 18.69
N PRO A 205 14.57 -12.35 19.96
CA PRO A 205 15.89 -12.60 20.51
C PRO A 205 16.63 -13.60 19.60
N GLY A 206 17.88 -13.30 19.30
CA GLY A 206 18.67 -14.12 18.39
C GLY A 206 18.44 -13.80 16.92
N GLY A 207 17.53 -12.87 16.65
CA GLY A 207 17.20 -12.49 15.27
C GLY A 207 18.33 -11.70 14.62
N ARG A 208 18.31 -11.61 13.29
CA ARG A 208 19.37 -10.91 12.56
C ARG A 208 18.81 -9.88 11.58
N LEU A 209 19.51 -8.76 11.46
CA LEU A 209 19.17 -7.71 10.53
C LEU A 209 20.38 -7.41 9.65
N VAL A 210 20.19 -7.50 8.34
CA VAL A 210 21.24 -7.18 7.38
C VAL A 210 20.97 -5.80 6.78
N VAL A 211 21.95 -4.90 6.88
CA VAL A 211 21.81 -3.54 6.38
C VAL A 211 22.83 -3.26 5.29
N LEU A 212 22.35 -2.69 4.20
CA LEU A 212 23.23 -2.19 3.15
C LEU A 212 22.94 -0.72 2.88
N THR A 213 23.95 0.13 3.04
CA THR A 213 23.74 1.56 2.89
C THR A 213 24.91 2.27 2.24
N MET A 214 24.67 3.52 1.84
CA MET A 214 25.71 4.39 1.31
C MET A 214 26.70 4.72 2.41
N ALA A 215 27.98 4.64 2.04
CA ALA A 215 29.05 4.87 3.01
C ALA A 215 30.02 5.93 2.53
N LEU A 216 30.82 6.43 3.46
CA LEU A 216 32.04 7.14 3.07
C LEU A 216 33.14 6.10 2.90
N ASP A 217 34.02 6.29 1.92
CA ASP A 217 35.09 5.32 1.71
C ASP A 217 36.22 5.46 2.77
N GLU A 218 37.31 4.71 2.58
CA GLU A 218 38.48 4.74 3.47
C GLU A 218 38.97 6.16 3.74
N HIS A 219 38.86 7.02 2.73
CA HIS A 219 39.39 8.37 2.80
C HIS A 219 38.34 9.41 3.20
N GLY A 220 37.17 8.95 3.62
CA GLY A 220 36.08 9.84 4.02
C GLY A 220 35.34 10.49 2.86
N HIS A 221 35.41 9.88 1.67
CA HIS A 221 34.77 10.44 0.48
C HIS A 221 33.43 9.80 0.13
N PHE A 222 32.52 10.64 -0.34
CA PHE A 222 31.16 10.24 -0.69
C PHE A 222 31.10 9.48 -2.02
N GLY A 223 32.05 9.75 -2.91
CA GLY A 223 32.03 9.16 -4.23
C GLY A 223 31.03 9.84 -5.16
N TYR A 224 30.75 9.22 -6.30
CA TYR A 224 29.88 9.76 -7.37
C TYR A 224 30.27 11.17 -7.82
N ARG A 225 31.57 11.48 -7.76
CA ARG A 225 32.02 12.85 -8.03
C ARG A 225 31.57 13.39 -9.40
N PRO A 226 31.78 12.61 -10.50
CA PRO A 226 31.30 13.10 -11.80
C PRO A 226 29.79 13.31 -11.84
N MET A 227 29.03 12.46 -11.15
CA MET A 227 27.58 12.63 -11.03
C MET A 227 27.24 13.92 -10.29
N ASN A 228 27.92 14.16 -9.18
CA ASN A 228 27.70 15.40 -8.43
C ASN A 228 27.91 16.63 -9.30
N ASP A 229 29.05 16.66 -10.01
CA ASP A 229 29.37 17.77 -10.91
C ASP A 229 28.32 17.96 -12.01
N ALA A 230 27.90 16.86 -12.63
CA ALA A 230 26.90 16.93 -13.70
C ALA A 230 25.55 17.44 -13.19
N LEU A 231 25.13 16.97 -12.01
CA LEU A 231 23.87 17.40 -11.40
C LEU A 231 23.84 18.89 -11.03
N VAL A 232 24.90 19.35 -10.37
CA VAL A 232 25.03 20.76 -9.97
C VAL A 232 24.99 21.68 -11.20
N ALA A 233 25.75 21.30 -12.23
CA ALA A 233 25.83 22.09 -13.47
C ALA A 233 24.48 22.08 -14.21
N ALA A 234 23.85 20.91 -14.30
CA ALA A 234 22.56 20.79 -14.96
C ALA A 234 21.48 21.63 -14.27
N LEU A 235 21.47 21.67 -12.94
CA LEU A 235 20.50 22.48 -12.19
C LEU A 235 20.70 23.97 -12.47
N ASN A 236 21.96 24.39 -12.44
CA ASN A 236 22.32 25.76 -12.77
C ASN A 236 21.92 26.12 -14.21
N ASP A 237 22.10 25.18 -15.14
CA ASP A 237 21.65 25.35 -16.53
C ASP A 237 20.15 25.62 -16.63
N GLN A 238 19.35 24.91 -15.83
CA GLN A 238 17.90 25.07 -15.85
C GLN A 238 17.48 26.45 -15.36
N VAL A 239 18.19 26.98 -14.37
CA VAL A 239 17.97 28.36 -13.93
C VAL A 239 18.38 29.34 -15.04
N ARG A 240 19.59 29.17 -15.59
CA ARG A 240 20.10 30.06 -16.63
C ARG A 240 19.17 30.10 -17.85
N ASP A 241 18.58 28.95 -18.18
CA ASP A 241 17.71 28.83 -19.35
C ASP A 241 16.25 29.18 -19.06
N GLY A 242 15.97 29.58 -17.83
CA GLY A 242 14.62 30.03 -17.46
C GLY A 242 13.61 28.91 -17.22
N LEU A 243 14.12 27.69 -16.99
CA LEU A 243 13.24 26.54 -16.76
C LEU A 243 13.00 26.33 -15.28
N LEU A 244 13.86 26.92 -14.47
CA LEU A 244 13.82 26.78 -13.03
C LEU A 244 14.04 28.16 -12.41
N ARG A 245 13.21 28.51 -11.42
CA ARG A 245 13.36 29.78 -10.70
C ARG A 245 14.50 29.70 -9.70
N PRO A 246 15.28 30.80 -9.56
CA PRO A 246 16.36 30.83 -8.56
C PRO A 246 15.88 30.49 -7.14
N GLU A 247 14.68 30.93 -6.80
CA GLU A 247 14.07 30.67 -5.48
C GLU A 247 13.75 29.18 -5.29
N GLU A 248 13.38 28.51 -6.38
CA GLU A 248 13.14 27.06 -6.34
C GLU A 248 14.43 26.28 -6.13
N LEU A 249 15.47 26.64 -6.87
CA LEU A 249 16.77 25.98 -6.74
C LEU A 249 17.36 26.17 -5.34
N ARG A 250 17.24 27.39 -4.80
CA ARG A 250 17.71 27.73 -3.45
C ARG A 250 17.13 26.77 -2.41
N ARG A 251 15.87 26.42 -2.62
CA ARG A 251 15.08 25.54 -1.76
C ARG A 251 15.47 24.06 -1.82
N MET A 252 16.09 23.65 -2.93
CA MET A 252 16.38 22.22 -3.15
C MET A 252 17.47 21.69 -2.22
N ALA A 253 17.20 20.54 -1.62
CA ALA A 253 18.19 19.83 -0.79
C ALA A 253 17.84 18.35 -0.75
N ILE A 254 18.83 17.50 -1.00
CA ILE A 254 18.66 16.06 -0.91
C ILE A 254 19.09 15.61 0.47
N PRO A 255 18.12 15.17 1.32
CA PRO A 255 18.53 14.75 2.66
C PRO A 255 19.04 13.31 2.68
N VAL A 256 20.21 13.14 2.06
CA VAL A 256 20.91 11.86 2.00
C VAL A 256 22.26 11.99 2.70
N VAL A 257 22.52 11.06 3.62
CA VAL A 257 23.83 11.05 4.29
C VAL A 257 24.51 9.69 4.18
N ALA A 258 25.76 9.68 3.70
CA ALA A 258 26.57 8.47 3.70
C ALA A 258 27.37 8.41 5.00
N ARG A 259 27.41 7.23 5.61
CA ARG A 259 28.04 7.07 6.92
C ARG A 259 29.41 6.40 6.82
N ALA A 260 30.37 6.92 7.59
CA ALA A 260 31.68 6.27 7.72
C ALA A 260 31.55 5.09 8.68
N GLU A 261 32.52 4.17 8.65
CA GLU A 261 32.56 3.06 9.61
C GLU A 261 32.35 3.54 11.06
N LYS A 262 33.04 4.60 11.45
CA LYS A 262 32.94 5.11 12.82
CA LYS A 262 32.94 5.13 12.81
C LYS A 262 31.52 5.60 13.15
N ASP A 263 30.86 6.23 12.17
CA ASP A 263 29.47 6.66 12.36
C ASP A 263 28.55 5.46 12.61
N LEU A 264 28.78 4.39 11.86
CA LEU A 264 27.96 3.18 11.99
C LEU A 264 28.17 2.50 13.34
N ARG A 265 29.41 2.53 13.83
CA ARG A 265 29.74 1.92 15.12
C ARG A 265 29.35 2.76 16.33
N ALA A 266 29.08 4.05 16.12
CA ALA A 266 28.93 5.03 17.20
C ALA A 266 27.92 4.67 18.32
N PRO A 267 26.72 4.17 17.98
CA PRO A 267 25.79 3.79 19.06
C PRO A 267 26.31 2.66 19.96
N PHE A 268 27.22 1.86 19.42
CA PHE A 268 27.67 0.62 20.07
C PHE A 268 28.92 0.79 20.93
N ALA A 269 29.71 1.83 20.66
CA ALA A 269 30.98 2.05 21.34
C ALA A 269 30.76 2.50 22.80
N PRO A 270 31.66 2.07 23.73
CA PRO A 270 32.80 1.17 23.48
C PRO A 270 32.54 -0.31 23.77
N ARG A 271 31.44 -0.63 24.45
CA ARG A 271 31.20 -2.01 24.92
C ARG A 271 30.57 -2.94 23.89
N GLY A 272 30.16 -2.40 22.75
CA GLY A 272 29.70 -3.22 21.63
C GLY A 272 28.20 -3.41 21.47
N TRP A 273 27.41 -2.98 22.46
CA TRP A 273 25.95 -3.18 22.43
C TRP A 273 25.15 -1.86 22.45
N PHE A 274 24.02 -1.85 21.75
CA PHE A 274 23.08 -0.72 21.78
C PHE A 274 21.67 -1.27 21.68
N GLU A 275 20.87 -1.03 22.71
CA GLU A 275 19.46 -1.43 22.73
C GLU A 275 19.26 -2.91 22.38
N GLY A 276 20.17 -3.75 22.87
CA GLY A 276 20.08 -5.19 22.67
C GLY A 276 20.62 -5.71 21.34
N LEU A 277 21.20 -4.83 20.54
CA LEU A 277 21.83 -5.23 19.27
C LEU A 277 23.35 -5.07 19.29
N THR A 278 24.01 -5.90 18.48
CA THR A 278 25.45 -5.81 18.31
C THR A 278 25.79 -5.96 16.83
N ILE A 279 26.92 -5.40 16.42
CA ILE A 279 27.41 -5.60 15.06
C ILE A 279 28.20 -6.91 15.01
N GLU A 280 27.63 -7.90 14.36
CA GLU A 280 28.28 -9.20 14.18
C GLU A 280 29.29 -9.14 13.04
N GLN A 281 28.97 -8.40 11.99
CA GLN A 281 29.87 -8.24 10.86
C GLN A 281 29.68 -6.89 10.20
N LEU A 282 30.78 -6.26 9.80
CA LEU A 282 30.74 -5.00 9.07
C LEU A 282 31.78 -5.01 7.96
N ASP A 283 31.37 -4.58 6.77
CA ASP A 283 32.28 -4.44 5.64
C ASP A 283 32.04 -3.12 4.94
N VAL A 284 33.13 -2.46 4.55
CA VAL A 284 33.07 -1.22 3.82
C VAL A 284 33.79 -1.50 2.50
N PHE A 285 33.14 -1.17 1.39
CA PHE A 285 33.65 -1.54 0.06
C PHE A 285 33.12 -0.62 -1.03
N ASN A 286 33.80 -0.58 -2.17
CA ASN A 286 33.30 0.13 -3.34
C ASN A 286 32.69 -0.86 -4.31
N ALA A 287 31.41 -0.67 -4.64
CA ALA A 287 30.75 -1.55 -5.61
C ALA A 287 31.40 -1.38 -6.97
N GLU A 288 31.48 -2.45 -7.75
CA GLU A 288 32.01 -2.32 -9.11
C GLU A 288 31.10 -1.39 -9.91
N ASP A 289 31.72 -0.47 -10.63
CA ASP A 289 31.01 0.49 -11.47
C ASP A 289 30.65 -0.22 -12.80
N ARG A 290 29.45 -0.78 -12.86
CA ARG A 290 28.99 -1.57 -14.02
C ARG A 290 28.75 -0.74 -15.28
N PHE A 291 28.31 0.50 -15.10
CA PHE A 291 28.12 1.40 -16.25
C PHE A 291 29.46 1.75 -16.90
N TRP A 292 30.46 2.05 -16.08
CA TRP A 292 31.84 2.23 -16.58
C TRP A 292 32.38 0.97 -17.28
N ALA A 293 32.20 -0.20 -16.67
CA ALA A 293 32.65 -1.47 -17.25
C ALA A 293 32.02 -1.74 -18.61
N ALA A 294 30.70 -1.54 -18.70
CA ALA A 294 29.99 -1.66 -19.97
C ALA A 294 30.55 -0.70 -21.02
N PHE A 295 30.74 0.57 -20.65
CA PHE A 295 31.29 1.55 -21.57
C PHE A 295 32.70 1.18 -22.07
N GLN A 296 33.53 0.62 -21.19
CA GLN A 296 34.85 0.17 -21.60
C GLN A 296 34.76 -0.95 -22.63
N SER A 297 33.71 -1.76 -22.53
CA SER A 297 33.50 -2.88 -23.45
C SER A 297 32.90 -2.46 -24.79
N ASP A 298 31.86 -1.62 -24.76
CA ASP A 298 31.13 -1.27 -25.99
C ASP A 298 31.32 0.16 -26.54
N GLY A 299 31.95 1.04 -25.76
CA GLY A 299 32.20 2.42 -26.21
C GLY A 299 30.96 3.27 -26.46
N ASP A 300 29.81 2.81 -26.00
CA ASP A 300 28.55 3.52 -26.20
C ASP A 300 28.40 4.62 -25.13
N ALA A 301 28.82 5.84 -25.47
CA ALA A 301 28.78 6.97 -24.55
C ALA A 301 27.36 7.43 -24.20
N GLU A 302 26.44 7.36 -25.17
CA GLU A 302 25.04 7.71 -24.96
C GLU A 302 24.40 6.80 -23.92
N SER A 303 24.63 5.49 -24.04
CA SER A 303 24.08 4.52 -23.11
C SER A 303 24.64 4.75 -21.71
N PHE A 304 25.93 5.07 -21.64
CA PHE A 304 26.58 5.40 -20.37
C PHE A 304 25.87 6.55 -19.66
N GLY A 305 25.72 7.67 -20.36
CA GLY A 305 25.02 8.83 -19.83
C GLY A 305 23.59 8.55 -19.39
N ALA A 306 22.86 7.78 -20.21
CA ALA A 306 21.44 7.44 -19.94
C ALA A 306 21.29 6.57 -18.69
N GLN A 307 22.17 5.59 -18.55
CA GLN A 307 22.17 4.69 -17.39
C GLN A 307 22.36 5.47 -16.09
N TRP A 308 23.40 6.29 -16.05
CA TRP A 308 23.68 7.11 -14.88
C TRP A 308 22.55 8.11 -14.61
N ALA A 309 22.06 8.76 -15.66
CA ALA A 309 21.00 9.76 -15.51
C ALA A 309 19.68 9.17 -15.01
N GLY A 310 19.32 8.00 -15.52
CA GLY A 310 18.11 7.27 -15.08
C GLY A 310 18.20 6.89 -13.59
N PHE A 311 19.39 6.44 -13.20
CA PHE A 311 19.69 6.15 -11.79
C PHE A 311 19.43 7.35 -10.90
N ALA A 312 20.00 8.50 -11.27
CA ALA A 312 19.83 9.74 -10.50
C ALA A 312 18.36 10.16 -10.50
N ARG A 313 17.71 10.06 -11.65
CA ARG A 313 16.33 10.50 -11.82
C ARG A 313 15.35 9.79 -10.90
N ALA A 314 15.33 8.46 -10.95
CA ALA A 314 14.34 7.68 -10.17
C ALA A 314 14.50 7.90 -8.67
N ALA A 315 15.76 8.02 -8.23
CA ALA A 315 16.06 8.12 -6.79
C ALA A 315 16.06 9.53 -6.20
N LEU A 316 16.49 10.51 -6.99
CA LEU A 316 16.73 11.87 -6.48
C LEU A 316 15.74 12.93 -6.92
N PHE A 317 15.25 12.84 -8.15
CA PHE A 317 14.48 13.92 -8.76
C PHE A 317 13.10 14.19 -8.12
N PRO A 318 12.41 13.14 -7.62
CA PRO A 318 11.17 13.50 -6.92
C PRO A 318 11.40 14.45 -5.75
N THR A 319 12.50 14.27 -5.02
CA THR A 319 12.82 15.16 -3.90
C THR A 319 13.15 16.59 -4.39
N LEU A 320 13.89 16.68 -5.49
CA LEU A 320 14.14 17.98 -6.12
C LEU A 320 12.83 18.62 -6.59
N ALA A 321 11.99 17.84 -7.29
CA ALA A 321 10.71 18.33 -7.81
C ALA A 321 9.76 18.84 -6.71
N ALA A 322 9.91 18.31 -5.50
CA ALA A 322 9.11 18.75 -4.35
C ALA A 322 9.35 20.22 -3.99
N ALA A 323 10.48 20.77 -4.43
CA ALA A 323 10.83 22.16 -4.14
C ALA A 323 10.22 23.18 -5.12
N LEU A 324 9.59 22.68 -6.18
CA LEU A 324 9.00 23.55 -7.22
C LEU A 324 7.73 24.23 -6.73
N ASP A 325 7.42 25.39 -7.32
CA ASP A 325 6.24 26.19 -6.94
C ASP A 325 4.92 25.59 -7.41
N CYS A 326 4.98 24.80 -8.48
CA CYS A 326 3.81 24.07 -8.98
C CYS A 326 3.58 22.81 -8.16
N GLY A 327 2.45 22.15 -8.38
CA GLY A 327 2.21 20.84 -7.76
C GLY A 327 3.18 19.80 -8.33
N THR A 328 3.38 18.72 -7.58
CA THR A 328 4.20 17.60 -8.09
C THR A 328 3.40 16.77 -9.09
N GLY A 329 2.09 17.03 -9.18
CA GLY A 329 1.24 16.41 -10.20
C GLY A 329 1.10 17.29 -11.43
N ASP A 330 1.69 18.47 -11.36
CA ASP A 330 1.68 19.44 -12.46
C ASP A 330 2.61 18.97 -13.57
N PRO A 331 2.19 19.11 -14.84
CA PRO A 331 3.03 18.77 -16.00
C PRO A 331 4.39 19.48 -16.06
N ARG A 332 4.50 20.64 -15.42
CA ARG A 332 5.78 21.38 -15.38
C ARG A 332 6.82 20.65 -14.51
N ALA A 333 6.36 19.95 -13.47
CA ALA A 333 7.23 19.09 -12.67
C ALA A 333 7.76 17.92 -13.51
N THR A 334 6.88 17.32 -14.31
CA THR A 334 7.27 16.24 -15.20
C THR A 334 8.27 16.74 -16.23
N ALA A 335 8.04 17.94 -16.77
CA ALA A 335 8.98 18.58 -17.68
C ALA A 335 10.35 18.80 -17.04
N PHE A 336 10.35 19.35 -15.82
CA PHE A 336 11.60 19.55 -15.07
C PHE A 336 12.39 18.24 -14.89
N ILE A 337 11.69 17.19 -14.47
CA ILE A 337 12.27 15.85 -14.31
C ILE A 337 12.93 15.37 -15.62
N GLU A 338 12.19 15.47 -16.72
CA GLU A 338 12.66 14.99 -18.02
C GLU A 338 13.88 15.76 -18.52
N GLN A 339 13.84 17.09 -18.42
CA GLN A 339 14.96 17.91 -18.90
C GLN A 339 16.21 17.74 -18.03
N LEU A 340 16.03 17.66 -16.71
CA LEU A 340 17.18 17.48 -15.83
C LEU A 340 17.89 16.17 -16.18
N GLU A 341 17.10 15.11 -16.40
CA GLU A 341 17.65 13.83 -16.80
C GLU A 341 18.43 13.92 -18.12
N ALA A 342 17.85 14.58 -19.12
CA ALA A 342 18.52 14.73 -20.42
C ALA A 342 19.81 15.54 -20.31
N SER A 343 19.80 16.58 -19.48
CA SER A 343 21.00 17.39 -19.25
C SER A 343 22.12 16.61 -18.57
N VAL A 344 21.78 15.86 -17.52
CA VAL A 344 22.77 15.03 -16.82
C VAL A 344 23.34 13.95 -17.75
N ALA A 345 22.45 13.31 -18.51
CA ALA A 345 22.84 12.28 -19.46
C ALA A 345 23.86 12.81 -20.47
N ASP A 346 23.59 13.99 -21.01
CA ASP A 346 24.47 14.63 -22.00
C ASP A 346 25.83 15.00 -21.42
N ARG A 347 25.84 15.54 -20.21
CA ARG A 347 27.08 15.92 -19.53
C ARG A 347 28.03 14.73 -19.33
N LEU A 348 27.48 13.63 -18.80
CA LEU A 348 28.27 12.43 -18.53
C LEU A 348 28.64 11.69 -19.82
N ALA A 349 27.71 11.63 -20.77
CA ALA A 349 27.99 11.09 -22.09
C ALA A 349 29.20 11.76 -22.76
N SER A 350 29.33 13.07 -22.55
CA SER A 350 30.40 13.84 -23.18
C SER A 350 31.81 13.58 -22.60
N GLN A 351 31.88 13.12 -21.35
CA GLN A 351 33.16 12.76 -20.73
C GLN A 351 33.03 11.58 -19.77
N PRO A 352 32.88 10.34 -20.29
CA PRO A 352 32.66 9.20 -19.41
C PRO A 352 33.86 8.93 -18.51
N GLU A 353 33.57 8.73 -17.22
CA GLU A 353 34.58 8.55 -16.18
C GLU A 353 34.08 7.52 -15.18
N PRO A 354 34.99 6.68 -14.66
CA PRO A 354 34.57 5.78 -13.59
C PRO A 354 34.22 6.56 -12.33
N MET A 355 33.33 6.02 -11.50
CA MET A 355 32.93 6.67 -10.24
C MET A 355 33.06 5.70 -9.07
N ARG A 356 33.36 6.23 -7.89
CA ARG A 356 33.34 5.45 -6.65
C ARG A 356 31.93 5.35 -6.09
N ILE A 357 31.55 4.13 -5.70
CA ILE A 357 30.23 3.81 -5.18
C ILE A 357 30.47 3.15 -3.81
N PRO A 358 30.71 3.97 -2.75
CA PRO A 358 31.09 3.37 -1.46
C PRO A 358 29.89 2.87 -0.65
N LEU A 359 29.96 1.60 -0.24
CA LEU A 359 28.86 0.96 0.47
C LEU A 359 29.32 0.35 1.78
N ALA A 360 28.38 0.20 2.71
CA ALA A 360 28.64 -0.56 3.92
C ALA A 360 27.58 -1.64 4.04
N SER A 361 28.03 -2.87 4.29
CA SER A 361 27.13 -3.98 4.63
C SER A 361 27.36 -4.36 6.10
N LEU A 362 26.26 -4.53 6.83
CA LEU A 362 26.30 -4.86 8.26
C LEU A 362 25.37 -6.02 8.54
N VAL A 363 25.79 -6.89 9.44
CA VAL A 363 24.90 -7.88 10.04
C VAL A 363 24.78 -7.52 11.51
N LEU A 364 23.56 -7.27 11.95
CA LEU A 364 23.27 -6.96 13.34
C LEU A 364 22.54 -8.13 13.99
N ALA A 365 22.87 -8.41 15.24
CA ALA A 365 22.28 -9.52 15.97
C ALA A 365 21.65 -9.01 17.26
N LYS A 366 20.45 -9.49 17.57
CA LYS A 366 19.82 -9.23 18.87
C LYS A 366 20.25 -10.30 19.89
N ARG A 367 20.45 -9.87 21.15
CA ARG A 367 20.86 -10.76 22.26
C ARG A 367 20.10 -12.08 22.24
N VAL B 12 -7.47 -10.16 -20.32
CA VAL B 12 -8.80 -10.52 -20.88
C VAL B 12 -9.90 -10.57 -19.80
N VAL B 13 -9.50 -10.87 -18.56
CA VAL B 13 -10.43 -10.91 -17.43
C VAL B 13 -10.72 -9.48 -16.96
N VAL B 14 -11.97 -9.05 -17.10
CA VAL B 14 -12.36 -7.68 -16.80
C VAL B 14 -12.79 -7.54 -15.34
N ARG B 15 -12.05 -6.74 -14.59
CA ARG B 15 -12.30 -6.56 -13.16
C ARG B 15 -12.91 -5.18 -12.89
N PRO B 16 -13.65 -5.03 -11.77
CA PRO B 16 -14.13 -3.71 -11.37
C PRO B 16 -12.99 -2.81 -10.94
N ALA B 17 -13.25 -1.51 -10.85
CA ALA B 17 -12.27 -0.56 -10.35
C ALA B 17 -12.49 -0.29 -8.85
N PRO B 18 -11.39 0.02 -8.12
CA PRO B 18 -11.50 0.38 -6.71
C PRO B 18 -12.24 1.71 -6.55
N MET B 19 -12.50 2.09 -5.30
CA MET B 19 -13.22 3.32 -5.02
C MET B 19 -12.40 4.55 -5.43
N GLU B 20 -13.08 5.66 -5.67
CA GLU B 20 -12.42 6.91 -5.96
C GLU B 20 -11.75 7.43 -4.70
N SER B 21 -10.43 7.23 -4.63
CA SER B 21 -9.66 7.58 -3.45
C SER B 21 -9.92 9.02 -2.97
N ALA B 22 -10.03 9.94 -3.92
CA ALA B 22 -10.16 11.36 -3.60
C ALA B 22 -11.44 11.71 -2.83
N THR B 23 -12.50 10.94 -3.05
CA THR B 23 -13.82 11.28 -2.47
C THR B 23 -14.45 10.21 -1.56
N TYR B 24 -13.92 8.98 -1.57
CA TYR B 24 -14.58 7.90 -0.82
C TYR B 24 -14.79 8.18 0.68
N SER B 25 -13.77 8.74 1.33
CA SER B 25 -13.82 9.05 2.78
C SER B 25 -14.90 10.06 3.14
N GLN B 26 -15.29 10.89 2.18
CA GLN B 26 -16.31 11.91 2.38
C GLN B 26 -17.66 11.46 1.83
N SER B 27 -17.64 10.42 0.99
CA SER B 27 -18.84 9.94 0.31
C SER B 27 -19.31 8.53 0.72
N SER B 28 -18.95 8.09 1.93
CA SER B 28 -19.33 6.77 2.40
C SER B 28 -20.11 6.79 3.73
N ARG B 29 -20.89 7.86 3.92
CA ARG B 29 -21.74 7.98 5.10
C ARG B 29 -22.87 6.94 5.08
N LEU B 30 -23.38 6.65 3.88
CA LEU B 30 -24.40 5.63 3.71
C LEU B 30 -23.87 4.28 4.17
N GLN B 31 -22.71 3.89 3.64
CA GLN B 31 -22.06 2.64 4.02
C GLN B 31 -21.83 2.58 5.52
N ALA B 32 -21.32 3.67 6.09
CA ALA B 32 -21.03 3.77 7.52
C ALA B 32 -22.29 3.54 8.36
N ALA B 33 -23.39 4.18 7.96
CA ALA B 33 -24.66 4.03 8.67
C ALA B 33 -25.22 2.62 8.57
N GLY B 34 -25.10 2.02 7.39
CA GLY B 34 -25.60 0.68 7.14
C GLY B 34 -24.86 -0.39 7.91
N LEU B 35 -23.55 -0.22 8.06
CA LEU B 35 -22.73 -1.23 8.72
C LEU B 35 -22.77 -1.14 10.24
N SER B 36 -23.35 -0.05 10.75
CA SER B 36 -23.39 0.21 12.19
C SER B 36 -23.83 -0.97 13.06
N PRO B 37 -24.93 -1.69 12.69
CA PRO B 37 -25.34 -2.88 13.44
C PRO B 37 -24.32 -4.02 13.48
N ALA B 38 -23.48 -4.11 12.45
CA ALA B 38 -22.49 -5.18 12.35
C ALA B 38 -21.33 -4.96 13.32
N ILE B 39 -21.07 -3.70 13.65
CA ILE B 39 -20.05 -3.32 14.64
C ILE B 39 -20.36 -3.97 15.98
N THR B 40 -21.64 -3.99 16.36
CA THR B 40 -22.10 -4.63 17.59
C THR B 40 -21.77 -6.12 17.60
N LEU B 41 -22.05 -6.79 16.50
CA LEU B 41 -21.73 -8.20 16.35
C LEU B 41 -20.22 -8.42 16.46
N PHE B 42 -19.47 -7.53 15.83
CA PHE B 42 -18.01 -7.62 15.81
C PHE B 42 -17.43 -7.45 17.22
N GLU B 43 -17.92 -6.45 17.95
CA GLU B 43 -17.54 -6.23 19.34
C GLU B 43 -17.85 -7.45 20.21
N LYS B 44 -19.05 -8.00 20.05
CA LYS B 44 -19.47 -9.19 20.80
C LYS B 44 -18.57 -10.37 20.50
N ALA B 45 -18.20 -10.52 19.23
CA ALA B 45 -17.29 -11.59 18.82
C ALA B 45 -15.91 -11.45 19.49
N ALA B 46 -15.43 -10.21 19.59
CA ALA B 46 -14.15 -9.91 20.22
C ALA B 46 -14.16 -10.20 21.73
N GLN B 47 -15.32 -10.06 22.36
CA GLN B 47 -15.48 -10.33 23.78
C GLN B 47 -15.28 -11.80 24.14
N THR B 48 -15.63 -12.70 23.23
CA THR B 48 -15.71 -14.13 23.53
C THR B 48 -14.83 -15.07 22.68
N VAL B 49 -14.28 -14.56 21.58
CA VAL B 49 -13.47 -15.40 20.69
C VAL B 49 -12.28 -16.00 21.46
N PRO B 50 -12.00 -17.30 21.25
CA PRO B 50 -10.76 -17.85 21.80
C PRO B 50 -9.57 -17.06 21.27
N LEU B 51 -8.55 -16.86 22.11
CA LEU B 51 -7.40 -16.05 21.73
C LEU B 51 -6.14 -16.88 21.59
N PRO B 52 -5.16 -16.40 20.78
CA PRO B 52 -3.91 -17.12 20.67
C PRO B 52 -3.22 -17.23 22.04
N ASP B 53 -2.29 -18.17 22.15
CA ASP B 53 -1.52 -18.36 23.37
C ASP B 53 -0.59 -17.20 23.67
N ALA B 54 -0.30 -17.05 24.96
CA ALA B 54 0.91 -16.40 25.46
C ALA B 54 1.01 -14.96 24.99
N PRO B 55 2.21 -14.52 24.52
CA PRO B 55 2.21 -13.14 24.07
C PRO B 55 2.04 -13.02 22.55
N GLN B 56 1.61 -14.09 21.88
CA GLN B 56 1.44 -14.05 20.42
C GLN B 56 0.49 -12.91 20.04
N PRO B 57 0.83 -12.15 18.99
CA PRO B 57 -0.01 -11.05 18.55
C PRO B 57 -1.39 -11.54 18.15
N VAL B 58 -2.40 -10.74 18.49
CA VAL B 58 -3.76 -11.02 18.05
C VAL B 58 -3.97 -10.32 16.72
N VAL B 59 -4.33 -11.09 15.70
CA VAL B 59 -4.54 -10.54 14.35
C VAL B 59 -6.01 -10.30 14.05
N ILE B 60 -6.32 -9.09 13.59
CA ILE B 60 -7.62 -8.73 13.05
C ILE B 60 -7.45 -8.43 11.56
N ALA B 61 -8.32 -8.99 10.72
CA ALA B 61 -8.27 -8.73 9.28
C ALA B 61 -9.49 -7.94 8.82
N ASP B 62 -9.23 -6.98 7.92
CA ASP B 62 -10.26 -6.08 7.41
C ASP B 62 -10.26 -6.21 5.88
N TYR B 63 -11.22 -6.98 5.38
CA TYR B 63 -11.25 -7.39 3.99
C TYR B 63 -12.07 -6.41 3.17
N GLY B 64 -11.37 -5.63 2.34
CA GLY B 64 -11.99 -4.60 1.50
C GLY B 64 -11.97 -3.25 2.19
N VAL B 65 -10.78 -2.78 2.51
CA VAL B 65 -10.57 -1.57 3.33
C VAL B 65 -10.84 -0.24 2.63
N ALA B 66 -10.67 -0.19 1.31
CA ALA B 66 -10.64 1.09 0.57
C ALA B 66 -9.67 2.08 1.25
N THR B 67 -10.17 3.28 1.56
CA THR B 67 -9.37 4.36 2.17
C THR B 67 -9.19 4.19 3.68
N GLY B 68 -9.93 3.26 4.28
CA GLY B 68 -9.82 2.99 5.71
C GLY B 68 -10.77 3.78 6.59
N HIS B 69 -11.43 4.77 6.03
CA HIS B 69 -12.27 5.68 6.83
C HIS B 69 -13.37 4.94 7.61
N ASN B 70 -14.07 4.04 6.94
CA ASN B 70 -15.14 3.27 7.56
C ASN B 70 -14.68 2.06 8.38
N SER B 71 -13.37 1.84 8.46
CA SER B 71 -12.82 0.74 9.25
C SER B 71 -12.47 1.15 10.68
N LEU B 72 -12.34 2.46 10.90
CA LEU B 72 -11.84 2.96 12.17
C LEU B 72 -12.74 2.55 13.33
N LYS B 73 -14.05 2.77 13.18
CA LYS B 73 -15.00 2.37 14.22
C LYS B 73 -15.02 0.85 14.51
N PRO B 74 -15.23 -0.01 13.48
CA PRO B 74 -15.16 -1.43 13.80
C PRO B 74 -13.84 -1.89 14.42
N MET B 75 -12.71 -1.38 13.94
CA MET B 75 -11.42 -1.83 14.49
C MET B 75 -11.29 -1.41 15.97
N MET B 76 -11.66 -0.17 16.27
CA MET B 76 -11.58 0.35 17.65
C MET B 76 -12.46 -0.44 18.62
N ALA B 77 -13.67 -0.80 18.17
CA ALA B 77 -14.57 -1.61 18.98
C ALA B 77 -13.95 -2.96 19.35
N ALA B 78 -13.37 -3.63 18.36
CA ALA B 78 -12.72 -4.91 18.58
C ALA B 78 -11.49 -4.79 19.49
N ILE B 79 -10.70 -3.74 19.27
CA ILE B 79 -9.47 -3.52 20.03
C ILE B 79 -9.79 -3.23 21.50
N ASN B 80 -10.77 -2.37 21.74
CA ASN B 80 -11.20 -2.07 23.11
C ASN B 80 -11.66 -3.31 23.88
N ALA B 81 -12.43 -4.16 23.20
CA ALA B 81 -12.88 -5.43 23.77
C ALA B 81 -11.71 -6.36 24.09
N LEU B 82 -10.77 -6.47 23.15
CA LEU B 82 -9.60 -7.32 23.36
C LEU B 82 -8.75 -6.86 24.55
N ARG B 83 -8.60 -5.56 24.72
CA ARG B 83 -7.81 -4.99 25.82
C ARG B 83 -8.33 -5.31 27.22
N ARG B 84 -9.63 -5.60 27.31
CA ARG B 84 -10.22 -6.03 28.56
C ARG B 84 -9.91 -7.51 28.85
N ARG B 85 -9.27 -8.17 27.88
CA ARG B 85 -8.98 -9.60 27.99
C ARG B 85 -7.48 -9.91 28.03
N ILE B 86 -6.66 -9.00 27.50
CA ILE B 86 -5.21 -9.22 27.41
C ILE B 86 -4.41 -8.07 28.04
N ARG B 87 -3.14 -8.34 28.33
CA ARG B 87 -2.20 -7.33 28.80
C ARG B 87 -2.17 -6.11 27.88
N GLU B 88 -1.89 -4.94 28.45
CA GLU B 88 -1.86 -3.72 27.65
C GLU B 88 -0.66 -3.64 26.69
N ASP B 89 0.40 -4.39 26.98
CA ASP B 89 1.58 -4.39 26.10
C ASP B 89 1.52 -5.46 24.99
N ARG B 90 0.44 -6.23 24.97
CA ARG B 90 0.32 -7.30 23.97
C ARG B 90 -0.03 -6.75 22.59
N ALA B 91 0.69 -7.20 21.57
CA ALA B 91 0.50 -6.69 20.22
C ALA B 91 -0.84 -7.11 19.64
N ILE B 92 -1.53 -6.14 19.02
CA ILE B 92 -2.66 -6.42 18.14
C ILE B 92 -2.30 -5.89 16.75
N MET B 93 -2.35 -6.76 15.75
CA MET B 93 -2.06 -6.39 14.36
C MET B 93 -3.34 -6.37 13.54
N VAL B 94 -3.59 -5.25 12.88
CA VAL B 94 -4.71 -5.10 11.96
C VAL B 94 -4.16 -5.19 10.53
N ALA B 95 -4.60 -6.22 9.80
CA ALA B 95 -4.26 -6.39 8.39
C ALA B 95 -5.44 -5.93 7.53
N HIS B 96 -5.26 -4.77 6.88
CA HIS B 96 -6.26 -4.21 5.98
C HIS B 96 -6.01 -4.73 4.57
N THR B 97 -7.02 -5.32 3.94
CA THR B 97 -6.79 -5.90 2.62
C THR B 97 -7.66 -5.25 1.54
N ASP B 98 -7.13 -5.22 0.32
CA ASP B 98 -7.89 -4.74 -0.82
C ASP B 98 -7.24 -5.24 -2.11
N VAL B 99 -7.66 -4.69 -3.24
CA VAL B 99 -7.06 -5.07 -4.52
C VAL B 99 -5.75 -4.29 -4.70
N PRO B 100 -4.86 -4.76 -5.61
CA PRO B 100 -3.58 -4.08 -5.78
C PRO B 100 -3.70 -2.59 -6.11
N ASP B 101 -4.71 -2.23 -6.90
N ASP B 101 -4.68 -2.21 -6.92
CA ASP B 101 -4.86 -0.86 -7.41
CA ASP B 101 -4.78 -0.81 -7.37
C ASP B 101 -5.59 0.08 -6.46
C ASP B 101 -5.60 0.10 -6.46
N ASN B 102 -5.96 -0.42 -5.28
CA ASN B 102 -6.48 0.44 -4.20
C ASN B 102 -5.41 1.46 -3.83
N ASP B 103 -5.86 2.64 -3.38
CA ASP B 103 -4.93 3.70 -2.94
C ASP B 103 -4.52 3.44 -1.49
N PHE B 104 -3.44 2.70 -1.32
CA PHE B 104 -2.95 2.37 0.00
C PHE B 104 -2.26 3.54 0.70
N THR B 105 -1.78 4.50 -0.08
CA THR B 105 -1.25 5.75 0.48
C THR B 105 -2.36 6.50 1.23
N ALA B 106 -3.55 6.58 0.64
CA ALA B 106 -4.69 7.17 1.32
C ALA B 106 -5.03 6.43 2.61
N LEU B 107 -4.93 5.10 2.59
CA LEU B 107 -5.11 4.29 3.80
C LEU B 107 -4.12 4.67 4.89
N PHE B 108 -2.83 4.65 4.56
CA PHE B 108 -1.82 4.93 5.57
C PHE B 108 -1.88 6.36 6.07
N ARG B 109 -2.30 7.29 5.20
CA ARG B 109 -2.57 8.66 5.62
C ARG B 109 -3.75 8.74 6.59
N THR B 110 -4.84 8.03 6.30
CA THR B 110 -5.97 7.92 7.23
C THR B 110 -5.48 7.43 8.61
N LEU B 111 -4.73 6.33 8.61
CA LEU B 111 -4.26 5.71 9.85
C LEU B 111 -3.34 6.63 10.66
N ALA B 112 -2.63 7.52 9.96
CA ALA B 112 -1.70 8.45 10.61
C ALA B 112 -2.37 9.76 11.05
N ASP B 113 -3.29 10.26 10.23
CA ASP B 113 -3.84 11.62 10.40
C ASP B 113 -5.17 11.70 11.12
N ASP B 114 -6.03 10.71 10.91
CA ASP B 114 -7.36 10.72 11.51
C ASP B 114 -7.24 10.46 13.02
N PRO B 115 -7.73 11.40 13.85
CA PRO B 115 -7.63 11.23 15.31
C PRO B 115 -8.36 9.98 15.81
N ASP B 116 -9.34 9.49 15.05
CA ASP B 116 -10.09 8.29 15.41
C ASP B 116 -9.33 6.99 15.17
N SER B 117 -8.21 7.08 14.46
CA SER B 117 -7.40 5.92 14.14
C SER B 117 -6.97 5.19 15.41
N TYR B 118 -7.09 3.86 15.39
CA TYR B 118 -6.70 3.03 16.52
C TYR B 118 -5.23 3.20 16.90
N LEU B 119 -4.39 3.57 15.92
CA LEU B 119 -2.97 3.85 16.18
C LEU B 119 -2.78 4.99 17.19
N HIS B 120 -3.75 5.90 17.26
CA HIS B 120 -3.72 7.01 18.21
C HIS B 120 -4.38 6.70 19.55
N HIS B 121 -5.04 5.55 19.66
CA HIS B 121 -5.76 5.18 20.89
C HIS B 121 -5.18 3.98 21.60
N ASP B 122 -4.36 3.20 20.90
CA ASP B 122 -3.77 2.00 21.47
C ASP B 122 -2.32 1.92 21.03
N SER B 123 -1.40 2.01 21.99
CA SER B 123 0.04 2.08 21.69
C SER B 123 0.68 0.74 21.36
N ALA B 124 -0.07 -0.35 21.49
CA ALA B 124 0.40 -1.68 21.10
C ALA B 124 -0.45 -2.28 19.99
N SER B 125 -1.00 -1.42 19.13
CA SER B 125 -1.70 -1.85 17.94
C SER B 125 -0.85 -1.48 16.72
N PHE B 126 -0.86 -2.34 15.71
CA PHE B 126 -0.07 -2.15 14.50
C PHE B 126 -0.93 -2.27 13.26
N ALA B 127 -0.46 -1.71 12.15
CA ALA B 127 -1.24 -1.71 10.92
C ALA B 127 -0.41 -2.26 9.77
N SER B 128 -1.04 -3.06 8.92
CA SER B 128 -0.40 -3.54 7.70
C SER B 128 -1.43 -3.57 6.59
N ALA B 129 -0.97 -3.67 5.34
CA ALA B 129 -1.88 -3.68 4.20
C ALA B 129 -1.56 -4.87 3.29
N VAL B 130 -2.60 -5.48 2.73
CA VAL B 130 -2.42 -6.56 1.75
C VAL B 130 -3.18 -6.20 0.48
N GLY B 131 -2.44 -6.09 -0.62
CA GLY B 131 -3.01 -5.68 -1.91
C GLY B 131 -3.11 -6.87 -2.85
N ARG B 132 -3.96 -7.83 -2.49
CA ARG B 132 -4.16 -9.05 -3.26
C ARG B 132 -5.62 -9.42 -3.11
N SER B 133 -6.27 -9.76 -4.20
CA SER B 133 -7.71 -10.08 -4.20
C SER B 133 -8.09 -11.06 -3.09
N PHE B 134 -9.14 -10.77 -2.32
CA PHE B 134 -9.54 -11.68 -1.23
C PHE B 134 -10.28 -12.96 -1.69
N TYR B 135 -10.36 -13.14 -3.00
CA TYR B 135 -10.87 -14.38 -3.59
C TYR B 135 -9.76 -15.43 -3.76
N THR B 136 -8.62 -15.19 -3.14
CA THR B 136 -7.57 -16.19 -2.94
C THR B 136 -7.14 -16.10 -1.47
N GLN B 137 -6.33 -17.05 -1.00
CA GLN B 137 -5.78 -16.95 0.37
C GLN B 137 -4.67 -15.89 0.38
N ILE B 138 -4.80 -14.92 1.29
CA ILE B 138 -3.88 -13.79 1.31
C ILE B 138 -3.22 -13.57 2.67
N LEU B 139 -3.62 -14.38 3.65
CA LEU B 139 -2.98 -14.37 4.97
C LEU B 139 -2.59 -15.79 5.41
N PRO B 140 -1.56 -15.92 6.26
CA PRO B 140 -1.16 -17.26 6.74
C PRO B 140 -2.30 -18.02 7.40
N SER B 141 -2.37 -19.33 7.12
CA SER B 141 -3.38 -20.22 7.71
C SER B 141 -3.39 -20.15 9.24
N ASN B 142 -4.60 -20.14 9.83
CA ASN B 142 -4.75 -20.23 11.28
C ASN B 142 -4.18 -19.06 12.09
N THR B 143 -4.23 -17.85 11.54
CA THR B 143 -3.64 -16.69 12.22
C THR B 143 -4.60 -15.56 12.57
N VAL B 144 -5.77 -15.55 11.92
CA VAL B 144 -6.72 -14.45 12.08
C VAL B 144 -7.73 -14.78 13.17
N SER B 145 -7.67 -14.06 14.29
CA SER B 145 -8.65 -14.27 15.38
C SER B 145 -10.01 -13.68 15.02
N LEU B 146 -10.00 -12.50 14.40
CA LEU B 146 -11.22 -11.78 14.10
C LEU B 146 -11.17 -11.24 12.70
N GLY B 147 -12.20 -11.56 11.92
CA GLY B 147 -12.31 -11.07 10.56
C GLY B 147 -13.49 -10.11 10.44
N TRP B 148 -13.27 -9.05 9.67
CA TRP B 148 -14.29 -8.05 9.36
C TRP B 148 -14.30 -7.80 7.85
N SER B 149 -15.48 -7.76 7.26
CA SER B 149 -15.62 -7.34 5.86
C SER B 149 -16.95 -6.65 5.60
N SER B 150 -16.90 -5.35 5.34
CA SER B 150 -18.13 -4.57 5.08
C SER B 150 -18.14 -3.95 3.69
N TRP B 151 -19.26 -4.10 3.00
CA TRP B 151 -19.51 -3.48 1.70
C TRP B 151 -18.47 -3.86 0.64
N ALA B 152 -17.92 -5.06 0.72
CA ALA B 152 -16.87 -5.49 -0.21
C ALA B 152 -17.22 -6.72 -1.06
N ILE B 153 -17.82 -7.75 -0.44
CA ILE B 153 -18.06 -9.01 -1.16
C ILE B 153 -19.14 -8.97 -2.24
N GLN B 154 -19.92 -7.88 -2.29
CA GLN B 154 -20.89 -7.70 -3.38
C GLN B 154 -20.18 -7.47 -4.71
N TRP B 155 -18.88 -7.13 -4.64
CA TRP B 155 -18.08 -6.92 -5.85
C TRP B 155 -17.61 -8.24 -6.42
N LEU B 156 -18.07 -8.56 -7.63
CA LEU B 156 -17.66 -9.76 -8.31
C LEU B 156 -16.15 -9.74 -8.57
N SER B 157 -15.53 -10.92 -8.58
CA SER B 157 -14.13 -11.05 -8.96
C SER B 157 -13.91 -10.52 -10.38
N ARG B 158 -14.96 -10.57 -11.19
CA ARG B 158 -14.91 -10.19 -12.60
C ARG B 158 -16.31 -10.07 -13.21
N ILE B 159 -16.42 -9.35 -14.32
CA ILE B 159 -17.52 -9.53 -15.26
C ILE B 159 -17.40 -10.98 -15.74
N PRO B 160 -18.47 -11.78 -15.59
CA PRO B 160 -18.35 -13.21 -15.94
C PRO B 160 -17.96 -13.39 -17.41
N ALA B 161 -17.12 -14.37 -17.67
CA ALA B 161 -16.75 -14.72 -19.04
C ALA B 161 -18.01 -15.07 -19.83
N GLY B 162 -18.15 -14.49 -21.02
CA GLY B 162 -19.23 -14.81 -21.94
C GLY B 162 -20.58 -14.20 -21.60
N ALA B 163 -20.64 -13.38 -20.55
CA ALA B 163 -21.87 -12.70 -20.17
C ALA B 163 -22.22 -11.62 -21.20
N PRO B 164 -23.52 -11.52 -21.55
CA PRO B 164 -23.98 -10.48 -22.49
C PRO B 164 -23.81 -9.09 -21.90
N GLU B 165 -23.72 -8.08 -22.77
CA GLU B 165 -23.62 -6.69 -22.34
C GLU B 165 -24.90 -6.25 -21.64
N LEU B 166 -24.75 -5.53 -20.53
CA LEU B 166 -25.88 -5.01 -19.79
C LEU B 166 -26.43 -3.75 -20.46
N THR B 167 -27.64 -3.85 -21.00
CA THR B 167 -28.25 -2.75 -21.76
C THR B 167 -28.57 -1.51 -20.91
N ASP B 168 -28.71 -1.71 -19.60
CA ASP B 168 -28.90 -0.60 -18.66
C ASP B 168 -27.68 -0.33 -17.78
N HIS B 169 -26.72 -1.26 -17.81
CA HIS B 169 -25.33 -1.04 -17.39
C HIS B 169 -25.00 -1.08 -15.90
N VAL B 170 -25.84 -0.48 -15.07
CA VAL B 170 -25.43 -0.21 -13.68
C VAL B 170 -25.74 -1.30 -12.65
N GLN B 171 -26.72 -2.15 -12.94
CA GLN B 171 -27.08 -3.24 -12.04
C GLN B 171 -27.83 -4.36 -12.74
N VAL B 172 -27.29 -5.57 -12.68
CA VAL B 172 -27.85 -6.74 -13.35
C VAL B 172 -29.24 -7.14 -12.83
N ALA B 173 -29.54 -6.81 -11.58
CA ALA B 173 -30.86 -7.08 -10.98
C ALA B 173 -31.99 -6.42 -11.78
N TYR B 174 -31.68 -5.28 -12.39
CA TYR B 174 -32.65 -4.55 -13.20
C TYR B 174 -32.57 -4.89 -14.70
N SER B 175 -31.70 -5.82 -15.07
CA SER B 175 -31.59 -6.24 -16.47
C SER B 175 -32.79 -7.09 -16.88
N LYS B 176 -33.12 -7.02 -18.16
CA LYS B 176 -34.19 -7.82 -18.74
C LYS B 176 -33.64 -9.12 -19.33
N ASP B 177 -32.31 -9.20 -19.42
CA ASP B 177 -31.64 -10.38 -19.97
C ASP B 177 -31.44 -11.48 -18.93
N GLU B 178 -32.21 -12.55 -19.08
CA GLU B 178 -32.14 -13.70 -18.17
C GLU B 178 -30.76 -14.36 -18.16
N ARG B 179 -30.12 -14.41 -19.33
CA ARG B 179 -28.76 -14.94 -19.48
C ARG B 179 -27.73 -14.14 -18.69
N ALA B 180 -27.93 -12.82 -18.64
CA ALA B 180 -27.08 -11.93 -17.84
C ALA B 180 -27.23 -12.22 -16.35
N ARG B 181 -28.47 -12.30 -15.87
CA ARG B 181 -28.74 -12.53 -14.45
C ARG B 181 -28.14 -13.84 -13.96
N ALA B 182 -28.29 -14.91 -14.74
CA ALA B 182 -27.79 -16.23 -14.36
C ALA B 182 -26.25 -16.31 -14.35
N ALA B 183 -25.62 -15.62 -15.31
CA ALA B 183 -24.16 -15.58 -15.37
C ALA B 183 -23.61 -14.81 -14.16
N TYR B 184 -24.22 -13.66 -13.86
CA TYR B 184 -23.82 -12.86 -12.71
C TYR B 184 -24.08 -13.61 -11.40
N ALA B 185 -25.22 -14.30 -11.32
CA ALA B 185 -25.55 -15.11 -10.16
C ALA B 185 -24.55 -16.25 -9.94
N HIS B 186 -24.16 -16.94 -11.01
CA HIS B 186 -23.19 -18.03 -10.91
C HIS B 186 -21.82 -17.51 -10.46
N GLN B 187 -21.40 -16.36 -10.99
CA GLN B 187 -20.14 -15.73 -10.58
C GLN B 187 -20.14 -15.42 -9.08
N ALA B 188 -21.27 -14.87 -8.61
CA ALA B 188 -21.44 -14.53 -7.19
C ALA B 188 -21.35 -15.74 -6.27
N ALA B 189 -21.92 -16.86 -6.70
CA ALA B 189 -21.93 -18.08 -5.92
C ALA B 189 -20.52 -18.65 -5.81
N THR B 190 -19.79 -18.61 -6.93
CA THR B 190 -18.41 -19.09 -6.95
C THR B 190 -17.52 -18.20 -6.07
N ASP B 191 -17.65 -16.88 -6.24
CA ASP B 191 -16.92 -15.90 -5.43
C ASP B 191 -17.15 -16.10 -3.93
N TRP B 192 -18.41 -16.34 -3.55
CA TRP B 192 -18.79 -16.53 -2.15
C TRP B 192 -18.17 -17.81 -1.61
N GLN B 193 -18.24 -18.89 -2.39
CA GLN B 193 -17.56 -20.14 -2.04
C GLN B 193 -16.06 -19.93 -1.87
N ASP B 194 -15.44 -19.19 -2.80
CA ASP B 194 -14.00 -18.89 -2.75
C ASP B 194 -13.64 -18.09 -1.49
N PHE B 195 -14.37 -16.99 -1.28
CA PHE B 195 -14.19 -16.14 -0.09
C PHE B 195 -14.22 -16.96 1.20
N LEU B 196 -15.23 -17.82 1.33
CA LEU B 196 -15.39 -18.64 2.53
C LEU B 196 -14.30 -19.68 2.70
N ALA B 197 -13.92 -20.33 1.61
CA ALA B 197 -12.86 -21.35 1.64
C ALA B 197 -11.56 -20.76 2.19
N PHE B 198 -11.18 -19.60 1.70
CA PHE B 198 -9.91 -19.00 2.09
C PHE B 198 -9.94 -18.29 3.44
N ARG B 199 -11.07 -17.71 3.82
CA ARG B 199 -11.21 -17.20 5.20
C ARG B 199 -11.20 -18.38 6.17
N GLY B 200 -11.82 -19.49 5.76
CA GLY B 200 -11.82 -20.74 6.52
C GLY B 200 -10.43 -21.26 6.88
N ARG B 201 -9.46 -21.00 6.01
CA ARG B 201 -8.07 -21.40 6.27
C ARG B 201 -7.35 -20.35 7.11
N GLU B 202 -7.63 -19.07 6.85
CA GLU B 202 -6.95 -17.95 7.52
C GLU B 202 -7.31 -17.79 8.98
N LEU B 203 -8.58 -18.01 9.32
CA LEU B 203 -9.03 -17.89 10.71
C LEU B 203 -8.35 -18.92 11.62
N CYS B 204 -8.05 -18.50 12.85
CA CYS B 204 -7.66 -19.42 13.91
C CYS B 204 -8.84 -20.38 14.17
N PRO B 205 -8.55 -21.61 14.65
CA PRO B 205 -9.65 -22.45 15.14
C PRO B 205 -10.44 -21.70 16.20
N GLY B 206 -11.76 -21.69 16.05
CA GLY B 206 -12.63 -20.94 16.95
C GLY B 206 -12.78 -19.48 16.57
N GLY B 207 -12.04 -19.03 15.56
CA GLY B 207 -12.07 -17.63 15.12
C GLY B 207 -13.43 -17.21 14.59
N ARG B 208 -13.65 -15.89 14.53
CA ARG B 208 -14.93 -15.33 14.05
C ARG B 208 -14.73 -14.29 12.94
N LEU B 209 -15.61 -14.35 11.94
CA LEU B 209 -15.62 -13.42 10.84
C LEU B 209 -17.01 -12.78 10.74
N VAL B 210 -17.03 -11.45 10.71
CA VAL B 210 -18.28 -10.71 10.56
C VAL B 210 -18.31 -10.12 9.15
N VAL B 211 -19.38 -10.43 8.41
CA VAL B 211 -19.56 -9.94 7.04
C VAL B 211 -20.82 -9.11 6.95
N LEU B 212 -20.69 -7.94 6.32
CA LEU B 212 -21.82 -7.11 5.95
C LEU B 212 -21.75 -6.84 4.45
N THR B 213 -22.84 -7.15 3.75
CA THR B 213 -22.89 -7.00 2.28
C THR B 213 -24.28 -6.58 1.79
N MET B 214 -24.33 -6.19 0.51
CA MET B 214 -25.59 -5.87 -0.15
C MET B 214 -26.43 -7.12 -0.31
N ALA B 215 -27.71 -6.98 -0.01
CA ALA B 215 -28.62 -8.12 -0.04
C ALA B 215 -29.83 -7.81 -0.90
N LEU B 216 -30.55 -8.86 -1.28
CA LEU B 216 -31.90 -8.70 -1.80
C LEU B 216 -32.83 -8.76 -0.59
N ASP B 217 -33.92 -8.01 -0.61
CA ASP B 217 -34.84 -8.02 0.54
C ASP B 217 -35.76 -9.23 0.52
N GLU B 218 -36.68 -9.31 1.49
CA GLU B 218 -37.61 -10.44 1.62
C GLU B 218 -38.34 -10.81 0.33
N HIS B 219 -38.58 -9.80 -0.51
CA HIS B 219 -39.31 -9.99 -1.75
C HIS B 219 -38.38 -10.17 -2.96
N GLY B 220 -37.09 -10.31 -2.68
CA GLY B 220 -36.09 -10.50 -3.74
C GLY B 220 -35.71 -9.23 -4.49
N HIS B 221 -35.88 -8.07 -3.85
CA HIS B 221 -35.58 -6.80 -4.50
C HIS B 221 -34.24 -6.21 -4.08
N PHE B 222 -33.56 -5.61 -5.06
CA PHE B 222 -32.21 -5.03 -4.90
C PHE B 222 -32.22 -3.70 -4.15
N GLY B 223 -33.28 -2.92 -4.36
CA GLY B 223 -33.38 -1.59 -3.76
C GLY B 223 -32.76 -0.52 -4.65
N TYR B 224 -32.56 0.67 -4.07
CA TYR B 224 -31.97 1.83 -4.76
C TYR B 224 -32.68 2.17 -6.09
N ARG B 225 -33.98 1.88 -6.14
CA ARG B 225 -34.79 2.04 -7.35
C ARG B 225 -34.64 3.41 -8.04
N PRO B 226 -34.88 4.52 -7.30
CA PRO B 226 -34.71 5.84 -7.93
C PRO B 226 -33.26 6.15 -8.35
N MET B 227 -32.28 5.68 -7.60
CA MET B 227 -30.87 5.83 -7.98
C MET B 227 -30.60 5.14 -9.32
N ASN B 228 -31.03 3.89 -9.45
CA ASN B 228 -30.90 3.14 -10.68
C ASN B 228 -31.44 3.90 -11.87
N ASP B 229 -32.68 4.40 -11.74
CA ASP B 229 -33.35 5.16 -12.81
C ASP B 229 -32.58 6.41 -13.19
N ALA B 230 -32.20 7.20 -12.18
CA ALA B 230 -31.45 8.43 -12.38
C ALA B 230 -30.12 8.17 -13.09
N LEU B 231 -29.44 7.10 -12.68
CA LEU B 231 -28.14 6.74 -13.22
C LEU B 231 -28.21 6.27 -14.68
N VAL B 232 -29.20 5.43 -15.00
CA VAL B 232 -29.40 4.96 -16.37
C VAL B 232 -29.74 6.12 -17.31
N ALA B 233 -30.62 7.01 -16.85
CA ALA B 233 -31.04 8.17 -17.65
C ALA B 233 -29.92 9.22 -17.80
N ALA B 234 -29.10 9.37 -16.78
CA ALA B 234 -27.96 10.29 -16.82
C ALA B 234 -26.92 9.83 -17.82
N LEU B 235 -26.73 8.52 -17.93
CA LEU B 235 -25.80 7.92 -18.90
C LEU B 235 -26.29 8.08 -20.34
N ASN B 236 -27.58 7.84 -20.55
CA ASN B 236 -28.20 7.98 -21.87
C ASN B 236 -28.19 9.42 -22.37
N ASP B 237 -28.28 10.37 -21.44
CA ASP B 237 -28.24 11.80 -21.77
C ASP B 237 -26.89 12.22 -22.34
N GLN B 238 -25.83 11.56 -21.87
CA GLN B 238 -24.47 11.88 -22.31
C GLN B 238 -24.18 11.33 -23.70
N VAL B 239 -24.80 10.21 -24.06
CA VAL B 239 -24.71 9.68 -25.42
C VAL B 239 -25.61 10.48 -26.37
N ARG B 240 -26.71 11.01 -25.84
CA ARG B 240 -27.65 11.85 -26.59
C ARG B 240 -27.04 13.23 -26.87
N ASP B 241 -26.27 13.75 -25.93
CA ASP B 241 -25.57 15.03 -26.08
C ASP B 241 -24.21 14.88 -26.76
N GLY B 242 -23.89 13.65 -27.19
CA GLY B 242 -22.63 13.38 -27.90
C GLY B 242 -21.38 13.36 -27.04
N LEU B 243 -21.54 13.57 -25.73
CA LEU B 243 -20.42 13.56 -24.77
C LEU B 243 -19.87 12.16 -24.55
N LEU B 244 -20.72 11.15 -24.75
CA LEU B 244 -20.37 9.75 -24.59
C LEU B 244 -20.63 9.01 -25.89
N ARG B 245 -19.73 8.10 -26.25
CA ARG B 245 -19.88 7.32 -27.47
C ARG B 245 -20.70 6.05 -27.21
N PRO B 246 -21.58 5.68 -28.17
CA PRO B 246 -22.44 4.49 -28.04
C PRO B 246 -21.66 3.20 -27.77
N GLU B 247 -20.47 3.08 -28.35
CA GLU B 247 -19.59 1.93 -28.13
C GLU B 247 -19.06 1.89 -26.69
N GLU B 248 -18.73 3.07 -26.16
CA GLU B 248 -18.26 3.20 -24.79
C GLU B 248 -19.37 2.87 -23.79
N LEU B 249 -20.56 3.42 -24.02
CA LEU B 249 -21.72 3.16 -23.15
C LEU B 249 -22.11 1.68 -23.15
N ARG B 250 -22.09 1.06 -24.32
CA ARG B 250 -22.39 -0.37 -24.46
C ARG B 250 -21.47 -1.25 -23.60
N ARG B 251 -20.21 -0.84 -23.47
CA ARG B 251 -19.23 -1.59 -22.70
C ARG B 251 -19.42 -1.49 -21.19
N MET B 252 -20.15 -0.47 -20.73
CA MET B 252 -20.31 -0.20 -19.30
C MET B 252 -21.13 -1.27 -18.57
N ALA B 253 -20.57 -1.77 -17.47
CA ALA B 253 -21.24 -2.73 -16.59
C ALA B 253 -20.63 -2.70 -15.19
N ILE B 254 -21.49 -2.65 -14.17
CA ILE B 254 -21.04 -2.68 -12.77
C ILE B 254 -21.13 -4.11 -12.21
N PRO B 255 -19.98 -4.74 -11.92
CA PRO B 255 -20.01 -6.11 -11.40
C PRO B 255 -20.31 -6.16 -9.89
N VAL B 256 -21.53 -5.73 -9.54
CA VAL B 256 -22.02 -5.77 -8.17
C VAL B 256 -23.24 -6.69 -8.12
N VAL B 257 -23.21 -7.65 -7.18
CA VAL B 257 -24.33 -8.57 -6.99
C VAL B 257 -24.77 -8.60 -5.53
N ALA B 258 -26.05 -8.34 -5.29
CA ALA B 258 -26.63 -8.50 -3.96
C ALA B 258 -27.09 -9.95 -3.79
N ARG B 259 -26.92 -10.49 -2.59
CA ARG B 259 -27.28 -11.88 -2.34
C ARG B 259 -28.52 -12.03 -1.48
N ALA B 260 -29.40 -12.94 -1.87
CA ALA B 260 -30.53 -13.34 -1.04
C ALA B 260 -30.04 -14.24 0.09
N GLU B 261 -30.84 -14.31 1.14
CA GLU B 261 -30.59 -15.21 2.28
C GLU B 261 -30.19 -16.64 1.84
N LYS B 262 -30.92 -17.20 0.88
CA LYS B 262 -30.59 -18.55 0.40
C LYS B 262 -29.25 -18.60 -0.33
N ASP B 263 -28.88 -17.50 -1.01
CA ASP B 263 -27.60 -17.39 -1.69
C ASP B 263 -26.43 -17.43 -0.69
N LEU B 264 -26.62 -16.79 0.45
CA LEU B 264 -25.61 -16.75 1.49
C LEU B 264 -25.47 -18.10 2.19
N ARG B 265 -26.58 -18.84 2.29
CA ARG B 265 -26.58 -20.16 2.93
C ARG B 265 -26.14 -21.32 2.03
N ALA B 266 -26.11 -21.07 0.72
CA ALA B 266 -25.83 -22.10 -0.30
C ALA B 266 -24.60 -23.00 -0.06
N PRO B 267 -23.44 -22.42 0.34
CA PRO B 267 -22.30 -23.32 0.58
C PRO B 267 -22.45 -24.23 1.80
N PHE B 268 -23.32 -23.85 2.73
CA PHE B 268 -23.47 -24.57 4.00
C PHE B 268 -24.58 -25.61 3.98
N ALA B 269 -25.59 -25.40 3.12
CA ALA B 269 -26.82 -26.21 3.07
C ALA B 269 -26.69 -27.74 3.18
N PRO B 270 -25.65 -28.35 2.57
CA PRO B 270 -25.41 -29.78 2.80
C PRO B 270 -25.74 -30.25 4.23
N ARG B 271 -25.14 -29.61 5.24
CA ARG B 271 -25.47 -29.90 6.65
C ARG B 271 -25.20 -28.74 7.61
N GLY B 272 -24.86 -27.56 7.08
CA GLY B 272 -24.61 -26.38 7.91
C GLY B 272 -23.15 -25.97 8.05
N TRP B 273 -22.26 -26.72 7.41
CA TRP B 273 -20.84 -26.41 7.46
C TRP B 273 -20.24 -26.32 6.06
N PHE B 274 -19.24 -25.46 5.92
CA PHE B 274 -18.49 -25.35 4.68
C PHE B 274 -17.03 -25.01 4.97
N GLU B 275 -16.15 -25.95 4.62
CA GLU B 275 -14.70 -25.80 4.81
C GLU B 275 -14.33 -25.36 6.23
N GLY B 276 -14.95 -26.00 7.22
CA GLY B 276 -14.67 -25.70 8.63
C GLY B 276 -15.42 -24.49 9.18
N LEU B 277 -16.23 -23.84 8.35
CA LEU B 277 -16.99 -22.67 8.78
C LEU B 277 -18.48 -22.94 8.89
N THR B 278 -19.12 -22.29 9.86
CA THR B 278 -20.58 -22.35 10.02
C THR B 278 -21.16 -20.94 10.26
N ILE B 279 -22.41 -20.73 9.84
CA ILE B 279 -23.10 -19.46 10.11
C ILE B 279 -23.65 -19.49 11.54
N GLU B 280 -23.06 -18.68 12.40
CA GLU B 280 -23.46 -18.58 13.80
C GLU B 280 -24.69 -17.65 13.91
N GLN B 281 -24.75 -16.67 13.01
CA GLN B 281 -25.84 -15.71 13.00
C GLN B 281 -25.98 -15.09 11.63
N LEU B 282 -27.22 -14.88 11.20
CA LEU B 282 -27.51 -14.20 9.95
C LEU B 282 -28.71 -13.29 10.15
N ASP B 283 -28.61 -12.08 9.61
CA ASP B 283 -29.72 -11.12 9.62
C ASP B 283 -29.81 -10.46 8.27
N VAL B 284 -31.03 -10.25 7.79
CA VAL B 284 -31.26 -9.49 6.58
C VAL B 284 -32.20 -8.35 6.96
N PHE B 285 -31.81 -7.13 6.62
CA PHE B 285 -32.55 -5.95 7.06
C PHE B 285 -32.42 -4.84 6.05
N ASN B 286 -33.30 -3.84 6.16
CA ASN B 286 -33.19 -2.63 5.38
C ASN B 286 -32.62 -1.52 6.25
N ALA B 287 -31.52 -0.92 5.81
CA ALA B 287 -30.88 0.18 6.52
C ALA B 287 -31.77 1.42 6.47
N GLU B 288 -31.79 2.19 7.56
CA GLU B 288 -32.50 3.46 7.57
C GLU B 288 -31.94 4.38 6.50
N ASP B 289 -32.82 4.89 5.65
CA ASP B 289 -32.43 5.82 4.61
C ASP B 289 -32.20 7.21 5.22
N ARG B 290 -30.94 7.50 5.57
CA ARG B 290 -30.56 8.74 6.25
C ARG B 290 -30.72 9.99 5.39
N PHE B 291 -30.45 9.86 4.10
CA PHE B 291 -30.58 10.98 3.17
C PHE B 291 -32.03 11.42 3.06
N TRP B 292 -32.95 10.45 2.99
CA TRP B 292 -34.38 10.75 3.02
C TRP B 292 -34.81 11.37 4.35
N ALA B 293 -34.36 10.79 5.46
CA ALA B 293 -34.68 11.30 6.80
C ALA B 293 -34.25 12.76 6.97
N ALA B 294 -33.02 13.07 6.54
CA ALA B 294 -32.51 14.44 6.58
C ALA B 294 -33.38 15.37 5.73
N PHE B 295 -33.76 14.92 4.53
CA PHE B 295 -34.63 15.71 3.65
C PHE B 295 -35.99 16.02 4.30
N GLN B 296 -36.54 15.05 5.02
CA GLN B 296 -37.81 15.26 5.73
C GLN B 296 -37.67 16.29 6.85
N SER B 297 -36.46 16.43 7.37
CA SER B 297 -36.19 17.36 8.47
C SER B 297 -35.93 18.80 7.99
N ASP B 298 -35.12 18.96 6.95
CA ASP B 298 -34.66 20.28 6.51
C ASP B 298 -35.21 20.74 5.16
N GLY B 299 -35.80 19.82 4.40
CA GLY B 299 -36.42 20.15 3.11
C GLY B 299 -35.49 20.61 2.00
N ASP B 300 -34.20 20.36 2.16
CA ASP B 300 -33.19 20.75 1.17
C ASP B 300 -33.07 19.68 0.08
N ALA B 301 -33.66 19.95 -1.08
CA ALA B 301 -33.67 18.99 -2.19
C ALA B 301 -32.29 18.82 -2.85
N GLU B 302 -31.57 19.92 -3.08
CA GLU B 302 -30.24 19.87 -3.69
C GLU B 302 -29.26 19.05 -2.85
N SER B 303 -29.28 19.27 -1.53
CA SER B 303 -28.45 18.52 -0.58
C SER B 303 -28.74 17.01 -0.66
N PHE B 304 -30.03 16.68 -0.76
CA PHE B 304 -30.48 15.30 -0.94
C PHE B 304 -29.88 14.66 -2.19
N GLY B 305 -29.95 15.39 -3.31
CA GLY B 305 -29.43 14.92 -4.59
C GLY B 305 -27.91 14.78 -4.57
N ALA B 306 -27.23 15.76 -3.96
CA ALA B 306 -25.78 15.76 -3.87
C ALA B 306 -25.23 14.62 -3.02
N GLN B 307 -25.92 14.31 -1.91
CA GLN B 307 -25.52 13.22 -1.03
C GLN B 307 -25.64 11.87 -1.74
N TRP B 308 -26.80 11.64 -2.36
CA TRP B 308 -26.99 10.42 -3.16
C TRP B 308 -25.99 10.29 -4.31
N ALA B 309 -25.79 11.38 -5.05
CA ALA B 309 -24.87 11.38 -6.20
C ALA B 309 -23.41 11.15 -5.80
N GLY B 310 -23.01 11.70 -4.66
CA GLY B 310 -21.65 11.56 -4.12
C GLY B 310 -21.36 10.11 -3.76
N PHE B 311 -22.33 9.47 -3.10
CA PHE B 311 -22.31 8.04 -2.79
C PHE B 311 -22.11 7.21 -4.06
N ALA B 312 -22.89 7.47 -5.10
CA ALA B 312 -22.78 6.71 -6.34
C ALA B 312 -21.46 6.96 -7.06
N ARG B 313 -20.97 8.21 -7.03
CA ARG B 313 -19.73 8.57 -7.70
C ARG B 313 -18.50 7.84 -7.14
N ALA B 314 -18.29 7.92 -5.83
CA ALA B 314 -17.09 7.35 -5.20
C ALA B 314 -17.01 5.84 -5.35
N ALA B 315 -18.18 5.19 -5.29
CA ALA B 315 -18.26 3.74 -5.34
C ALA B 315 -18.36 3.15 -6.75
N LEU B 316 -19.07 3.83 -7.65
CA LEU B 316 -19.42 3.23 -8.96
C LEU B 316 -18.73 3.85 -10.17
N PHE B 317 -18.48 5.15 -10.13
CA PHE B 317 -18.02 5.87 -11.33
C PHE B 317 -16.64 5.47 -11.85
N PRO B 318 -15.70 5.08 -10.96
CA PRO B 318 -14.42 4.60 -11.52
C PRO B 318 -14.59 3.34 -12.39
N THR B 319 -15.48 2.43 -11.99
CA THR B 319 -15.76 1.24 -12.80
C THR B 319 -16.42 1.61 -14.15
N LEU B 320 -17.31 2.61 -14.13
CA LEU B 320 -17.90 3.12 -15.37
C LEU B 320 -16.84 3.82 -16.24
N ALA B 321 -16.01 4.65 -15.60
CA ALA B 321 -14.94 5.39 -16.28
C ALA B 321 -13.92 4.51 -17.01
N ALA B 322 -13.72 3.29 -16.52
CA ALA B 322 -12.79 2.34 -17.12
C ALA B 322 -13.22 1.85 -18.53
N ALA B 323 -14.50 2.03 -18.85
CA ALA B 323 -15.02 1.65 -20.17
C ALA B 323 -14.74 2.70 -21.27
N LEU B 324 -14.25 3.87 -20.87
CA LEU B 324 -13.94 4.96 -21.81
C LEU B 324 -12.70 4.67 -22.66
N ASP B 325 -12.69 5.22 -23.88
CA ASP B 325 -11.59 5.02 -24.84
C ASP B 325 -10.27 5.59 -24.33
N CYS B 326 -10.36 6.76 -23.69
CA CYS B 326 -9.20 7.42 -23.09
C CYS B 326 -8.70 6.68 -21.85
N GLY B 327 -7.56 7.13 -21.32
CA GLY B 327 -7.02 6.61 -20.07
C GLY B 327 -7.87 7.04 -18.89
N THR B 328 -7.70 6.39 -17.75
CA THR B 328 -8.46 6.72 -16.54
C THR B 328 -7.93 7.99 -15.87
N GLY B 329 -6.69 8.36 -16.20
CA GLY B 329 -6.08 9.61 -15.74
C GLY B 329 -6.12 10.68 -16.82
N ASP B 330 -7.14 10.62 -17.67
CA ASP B 330 -7.34 11.56 -18.76
C ASP B 330 -8.36 12.63 -18.34
N PRO B 331 -8.15 13.89 -18.77
CA PRO B 331 -9.11 14.99 -18.54
C PRO B 331 -10.55 14.70 -18.96
N ARG B 332 -10.72 13.91 -20.02
CA ARG B 332 -12.04 13.51 -20.50
C ARG B 332 -12.77 12.64 -19.47
N ALA B 333 -12.04 11.72 -18.84
CA ALA B 333 -12.59 10.85 -17.81
C ALA B 333 -13.05 11.62 -16.58
N THR B 334 -12.29 12.65 -16.19
CA THR B 334 -12.66 13.50 -15.06
C THR B 334 -13.94 14.26 -15.36
N ALA B 335 -14.06 14.79 -16.58
CA ALA B 335 -15.25 15.51 -17.03
C ALA B 335 -16.49 14.60 -17.04
N PHE B 336 -16.31 13.36 -17.48
CA PHE B 336 -17.38 12.37 -17.48
C PHE B 336 -17.87 12.08 -16.06
N ILE B 337 -16.93 11.91 -15.13
CA ILE B 337 -17.22 11.68 -13.72
C ILE B 337 -18.02 12.84 -13.12
N GLU B 338 -17.54 14.06 -13.33
CA GLU B 338 -18.15 15.25 -12.73
C GLU B 338 -19.52 15.56 -13.30
N GLN B 339 -19.69 15.32 -14.60
CA GLN B 339 -20.96 15.54 -15.29
C GLN B 339 -22.01 14.50 -14.88
N LEU B 340 -21.60 13.23 -14.88
CA LEU B 340 -22.50 12.15 -14.46
C LEU B 340 -23.03 12.43 -13.05
N GLU B 341 -22.14 12.82 -12.14
CA GLU B 341 -22.53 13.14 -10.77
C GLU B 341 -23.54 14.29 -10.72
N ALA B 342 -23.27 15.35 -11.48
CA ALA B 342 -24.14 16.52 -11.54
C ALA B 342 -25.54 16.17 -12.07
N SER B 343 -25.59 15.35 -13.12
CA SER B 343 -26.84 14.89 -13.71
C SER B 343 -27.67 14.05 -12.74
N VAL B 344 -27.03 13.06 -12.11
CA VAL B 344 -27.70 12.21 -11.11
C VAL B 344 -28.19 13.05 -9.93
N ALA B 345 -27.40 14.04 -9.54
CA ALA B 345 -27.77 14.96 -8.47
C ALA B 345 -29.04 15.74 -8.84
N ASP B 346 -29.08 16.28 -10.07
CA ASP B 346 -30.23 17.06 -10.55
C ASP B 346 -31.52 16.25 -10.60
N ARG B 347 -31.42 15.01 -11.11
CA ARG B 347 -32.60 14.15 -11.27
C ARG B 347 -33.24 13.77 -9.94
N LEU B 348 -32.41 13.43 -8.95
CA LEU B 348 -32.89 13.00 -7.64
C LEU B 348 -33.38 14.17 -6.79
N ALA B 349 -32.73 15.33 -6.95
CA ALA B 349 -33.14 16.54 -6.25
C ALA B 349 -34.52 17.03 -6.72
N SER B 350 -34.82 16.80 -7.99
CA SER B 350 -36.08 17.24 -8.59
C SER B 350 -37.31 16.48 -8.08
N GLN B 351 -37.10 15.30 -7.50
CA GLN B 351 -38.18 14.53 -6.86
C GLN B 351 -37.65 13.55 -5.81
N PRO B 352 -37.38 14.04 -4.59
CA PRO B 352 -36.85 13.19 -3.52
C PRO B 352 -37.80 12.06 -3.11
N GLU B 353 -37.26 10.85 -3.04
CA GLU B 353 -38.02 9.66 -2.68
C GLU B 353 -37.17 8.81 -1.74
N PRO B 354 -37.80 8.16 -0.75
CA PRO B 354 -37.06 7.17 0.03
C PRO B 354 -36.63 6.00 -0.84
N MET B 355 -35.57 5.29 -0.41
CA MET B 355 -35.02 4.16 -1.15
C MET B 355 -34.78 2.99 -0.21
N ARG B 356 -34.93 1.77 -0.70
CA ARG B 356 -34.62 0.60 0.09
C ARG B 356 -33.13 0.30 0.01
N ILE B 357 -32.52 0.04 1.18
CA ILE B 357 -31.10 -0.28 1.31
C ILE B 357 -30.97 -1.64 2.01
N PRO B 358 -31.15 -2.73 1.24
CA PRO B 358 -31.18 -4.06 1.85
C PRO B 358 -29.79 -4.61 2.13
N LEU B 359 -29.54 -4.99 3.39
CA LEU B 359 -28.24 -5.51 3.80
C LEU B 359 -28.35 -6.87 4.47
N ALA B 360 -27.25 -7.61 4.47
CA ALA B 360 -27.15 -8.82 5.24
C ALA B 360 -25.93 -8.75 6.12
N SER B 361 -26.10 -9.09 7.40
CA SER B 361 -24.99 -9.23 8.33
C SER B 361 -24.88 -10.70 8.73
N LEU B 362 -23.65 -11.21 8.75
CA LEU B 362 -23.38 -12.58 9.12
C LEU B 362 -22.26 -12.64 10.15
N VAL B 363 -22.38 -13.56 11.10
CA VAL B 363 -21.28 -13.94 11.97
C VAL B 363 -20.94 -15.40 11.63
N LEU B 364 -19.70 -15.62 11.20
CA LEU B 364 -19.23 -16.95 10.87
C LEU B 364 -18.20 -17.39 11.90
N ALA B 365 -18.19 -18.68 12.21
CA ALA B 365 -17.25 -19.22 13.18
C ALA B 365 -16.49 -20.40 12.57
N LYS B 366 -15.20 -20.51 12.88
CA LYS B 366 -14.40 -21.67 12.50
C LYS B 366 -14.45 -22.71 13.62
N ARG B 367 -14.57 -23.98 13.28
CA ARG B 367 -14.69 -25.03 14.31
C ARG B 367 -13.44 -25.15 15.20
N SAH C . 15.46 -1.47 -1.02
CA SAH C . 15.34 -1.03 -2.42
CB SAH C . 14.83 0.41 -2.52
CG SAH C . 15.79 1.48 -2.01
SD SAH C . 15.27 3.09 -2.55
C SAH C . 16.64 -1.22 -3.16
O SAH C . 16.77 -0.84 -4.33
OXT SAH C . 17.62 -1.73 -2.62
C5' SAH C . 15.11 3.93 -1.00
C4' SAH C . 13.77 3.65 -0.33
O4' SAH C . 13.86 3.97 1.08
C3' SAH C . 12.67 4.55 -0.92
O3' SAH C . 11.51 3.82 -1.35
C2' SAH C . 12.29 5.44 0.24
O2' SAH C . 10.92 5.86 0.19
C1' SAH C . 12.62 4.57 1.44
N9 SAH C . 12.67 5.37 2.68
C8 SAH C . 13.33 6.52 2.88
N7 SAH C . 13.11 6.99 4.13
C5 SAH C . 12.28 6.12 4.74
C6 SAH C . 11.65 6.00 6.06
N6 SAH C . 11.86 6.94 7.01
N1 SAH C . 10.85 4.93 6.30
C2 SAH C . 10.60 3.98 5.37
N3 SAH C . 11.16 4.02 4.14
C4 SAH C . 11.99 5.05 3.79
C1 5UF D . 18.43 5.26 -3.64
C2 5UF D . 19.71 5.69 -4.31
C3 5UF D . 20.26 7.03 -3.84
C4 5UF D . 21.52 7.33 -4.66
C5 5UF D . 22.02 8.76 -4.42
C6 5UF D . 23.16 9.14 -5.36
O14 5UF D . 20.59 6.96 -2.45
O13 5UF D . 17.85 5.99 -2.77
O12 5UF D . 17.99 4.15 -3.98
C7 5UF D . 23.78 10.45 -4.88
C8 5UF D . 24.77 11.07 -5.85
C9 5UF D . 24.94 12.52 -5.39
C10 5UF D . 26.24 13.12 -5.85
N SAH E . -15.05 -1.56 3.92
CA SAH E . -15.22 -0.16 3.53
CB SAH E . -15.01 0.02 2.02
CG SAH E . -16.03 -0.71 1.15
SD SAH E . -15.88 -0.15 -0.52
C SAH E . -16.58 0.34 3.95
O SAH E . -17.36 -0.33 4.64
OXT SAH E . -16.95 1.45 3.59
C5' SAH E . -15.62 -1.67 -1.40
C4' SAH E . -14.14 -2.09 -1.33
O4' SAH E . -14.02 -3.50 -1.62
C3' SAH E . -13.29 -1.35 -2.34
O3' SAH E . -12.09 -0.83 -1.75
C2' SAH E . -12.93 -2.42 -3.35
O2' SAH E . -11.68 -2.15 -4.00
C1' SAH E . -12.87 -3.64 -2.44
N9 SAH E . -12.83 -4.91 -3.21
C8 SAH E . -13.66 -5.27 -4.20
N7 SAH E . -13.32 -6.49 -4.67
C5 SAH E . -12.25 -6.91 -3.97
C6 SAH E . -11.39 -8.11 -3.96
N6 SAH E . -11.60 -9.12 -4.83
N1 SAH E . -10.36 -8.16 -3.08
C2 SAH E . -10.12 -7.16 -2.22
N3 SAH E . -10.86 -6.03 -2.17
C4 SAH E . -11.93 -5.86 -3.01
C1 5UF F . -19.50 0.28 -2.08
C2 5UF F . -20.96 0.67 -2.23
C3 5UF F . -21.60 0.14 -3.51
C4 5UF F . -23.05 0.66 -3.60
C5 5UF F . -23.69 0.37 -4.96
C6 5UF F . -25.03 1.08 -5.18
O14 5UF F . -21.60 -1.28 -3.46
O13 5UF F . -18.89 0.73 -1.10
O12 5UF F . -18.94 -0.47 -2.92
C7 5UF F . -25.76 0.48 -6.37
C8 5UF F . -27.04 1.24 -6.76
C9 5UF F . -27.38 0.94 -8.21
C10 5UF F . -28.81 0.53 -8.37
#